data_4EA3
#
_entry.id   4EA3
#
_cell.length_a   42.106
_cell.length_b   170.939
_cell.length_c   65.353
_cell.angle_alpha   90.00
_cell.angle_beta   103.14
_cell.angle_gamma   90.00
#
_symmetry.space_group_name_H-M   'P 1 21 1'
#
loop_
_entity.id
_entity.type
_entity.pdbx_description
1 polymer 'Fusion protein of Nociceptin receptor and cytochrome b562'
2 non-polymer "1-benzyl-N-[3-(1'H,3H-spiro[2-benzofuran-1,4'-piperidin]-1'-yl)propyl]-D-prolinamide"
3 non-polymer '(2S)-2,3-dihydroxypropyl (9Z)-octadec-9-enoate'
4 non-polymer 'OLEIC ACID'
5 non-polymer '(2R)-2,3-dihydroxypropyl (9Z)-octadec-9-enoate'
6 water water
#
_entity_poly.entity_id   1
_entity_poly.type   'polypeptide(L)'
_entity_poly.pdbx_seq_one_letter_code
;DYKDDDDGAPADLEDNWETLNDNLKVIEKADNAAQVKDALTKMRAAALDAQKATPPKLEDKSPDSPEMKDFRHGFDILVG
QIDDALKLANEGKVKEAQAAAEQLKTTRNAYIQKYLGAFLPLGLKVTIVGLYLAVCVGGLLGNCLVMYVILRHTKMKTAT
NIYIFNLALADTLVLLTLPFQGTDILLGFWPFGNALCKTVIAIDYYNMFTSTFTLTAMSVDRYVAICHPIRALDVRTSSK
AQAVNVAIWALASVVGVPVAIMGSAQVEDEEIECLVEIPTPQDYWGPVFAICIFLFSFIVPVLVISVCYSLMIRRLRGVR
LLSGSREKDRNLRRITRLVLVVVAVFVGCWTPVQVFVLAQGLGVQPSSETAVAILRFCTALGYVNSCLNPILYAFLDENF
KACFRKFCCASALGRPLEVLFQGPHHHHHHHHHH
;
_entity_poly.pdbx_strand_id   A,B
#
loop_
_chem_comp.id
_chem_comp.type
_chem_comp.name
_chem_comp.formula
0NN non-polymer 1-benzyl-N-[3-(1'H,3H-spiro[2-benzofuran-1,4'-piperidin]-1'-yl)propyl]-D-prolinamide 'C27 H35 N3 O2'
OLA non-polymer 'OLEIC ACID' 'C18 H34 O2'
OLB non-polymer '(2S)-2,3-dihydroxypropyl (9Z)-octadec-9-enoate' 'C21 H40 O4'
OLC non-polymer '(2R)-2,3-dihydroxypropyl (9Z)-octadec-9-enoate' 'C21 H40 O4'
#
# COMPACT_ATOMS: atom_id res chain seq x y z
N PRO A 121 -9.96 -16.79 13.58
CA PRO A 121 -9.90 -17.95 12.67
C PRO A 121 -9.02 -17.69 11.46
N LEU A 122 -9.12 -18.55 10.45
CA LEU A 122 -8.26 -18.48 9.27
C LEU A 122 -8.48 -17.19 8.47
N GLY A 123 -9.73 -16.80 8.31
CA GLY A 123 -10.06 -15.65 7.48
C GLY A 123 -10.06 -14.35 8.25
N LEU A 124 -10.20 -14.43 9.56
CA LEU A 124 -10.23 -13.23 10.40
C LEU A 124 -8.83 -12.75 10.72
N LYS A 125 -7.86 -13.66 10.66
CA LYS A 125 -6.46 -13.29 10.86
C LYS A 125 -5.85 -12.79 9.57
N VAL A 126 -6.37 -13.28 8.44
CA VAL A 126 -5.99 -12.73 7.14
C VAL A 126 -6.33 -11.26 7.12
N THR A 127 -7.49 -10.93 7.68
CA THR A 127 -7.89 -9.53 7.85
C THR A 127 -6.84 -8.75 8.64
N ILE A 128 -6.41 -9.34 9.76
CA ILE A 128 -5.42 -8.70 10.62
C ILE A 128 -4.12 -8.42 9.88
N VAL A 129 -3.66 -9.42 9.13
CA VAL A 129 -2.38 -9.32 8.43
C VAL A 129 -2.47 -8.33 7.29
N GLY A 130 -3.53 -8.43 6.49
CA GLY A 130 -3.78 -7.47 5.43
C GLY A 130 -3.77 -6.07 6.01
N LEU A 131 -4.35 -5.94 7.20
CA LEU A 131 -4.38 -4.66 7.90
C LEU A 131 -2.95 -4.19 8.21
N TYR A 132 -2.11 -5.10 8.70
CA TYR A 132 -0.72 -4.78 8.97
C TYR A 132 -0.02 -4.30 7.71
N LEU A 133 -0.10 -5.10 6.65
CA LEU A 133 0.55 -4.77 5.38
C LEU A 133 0.19 -3.35 4.97
N ALA A 134 -1.08 -2.98 5.13
CA ALA A 134 -1.55 -1.66 4.75
C ALA A 134 -0.91 -0.60 5.63
N VAL A 135 -0.99 -0.80 6.94
CA VAL A 135 -0.37 0.10 7.91
C VAL A 135 1.13 0.22 7.63
N CYS A 136 1.75 -0.90 7.33
CA CYS A 136 3.19 -0.96 7.08
C CYS A 136 3.60 -0.09 5.91
N VAL A 137 2.95 -0.27 4.77
CA VAL A 137 3.31 0.46 3.55
C VAL A 137 3.05 1.95 3.70
N GLY A 138 1.85 2.31 4.14
CA GLY A 138 1.50 3.71 4.33
C GLY A 138 2.30 4.36 5.44
N GLY A 139 2.50 3.61 6.53
CA GLY A 139 3.26 4.10 7.66
C GLY A 139 4.66 4.53 7.26
N LEU A 140 5.42 3.61 6.68
CA LEU A 140 6.80 3.90 6.28
C LEU A 140 6.84 5.07 5.31
N LEU A 141 5.95 5.04 4.33
CA LEU A 141 5.85 6.12 3.34
C LEU A 141 5.65 7.46 4.04
N GLY A 142 4.66 7.52 4.92
CA GLY A 142 4.36 8.74 5.64
C GLY A 142 5.50 9.23 6.51
N ASN A 143 5.99 8.36 7.40
CA ASN A 143 7.04 8.75 8.34
C ASN A 143 8.37 9.05 7.67
N CYS A 144 8.81 8.20 6.76
CA CYS A 144 10.03 8.45 6.00
C CYS A 144 9.93 9.81 5.30
N LEU A 145 8.76 10.08 4.73
CA LEU A 145 8.51 11.36 4.09
C LEU A 145 8.73 12.49 5.08
N VAL A 146 8.17 12.34 6.28
CA VAL A 146 8.31 13.36 7.32
C VAL A 146 9.78 13.57 7.68
N MET A 147 10.47 12.48 8.01
CA MET A 147 11.86 12.56 8.41
C MET A 147 12.69 13.27 7.36
N TYR A 148 12.45 12.94 6.09
CA TYR A 148 13.11 13.60 4.98
C TYR A 148 12.90 15.11 5.03
N VAL A 149 11.63 15.51 4.98
CA VAL A 149 11.26 16.92 4.98
C VAL A 149 12.00 17.73 6.03
N ILE A 150 12.01 17.23 7.26
CA ILE A 150 12.65 17.92 8.37
C ILE A 150 14.17 17.86 8.28
N LEU A 151 14.68 16.69 7.93
CA LEU A 151 16.12 16.44 7.94
C LEU A 151 16.87 17.30 6.92
N ARG A 152 16.58 17.08 5.64
CA ARG A 152 17.31 17.76 4.57
C ARG A 152 16.50 18.86 3.89
N HIS A 153 15.32 18.50 3.40
CA HIS A 153 14.52 19.39 2.56
C HIS A 153 14.60 20.87 2.96
N THR A 154 14.38 21.17 4.24
CA THR A 154 14.26 22.56 4.65
C THR A 154 14.85 22.83 6.03
N LYS A 155 15.16 24.09 6.30
CA LYS A 155 15.57 24.52 7.63
C LYS A 155 14.35 24.76 8.51
N MET A 156 13.48 23.76 8.60
CA MET A 156 12.33 23.82 9.48
C MET A 156 12.60 22.94 10.70
N LYS A 157 13.85 22.95 11.14
CA LYS A 157 14.27 22.19 12.31
C LYS A 157 13.91 22.94 13.58
N THR A 158 12.62 23.00 13.89
CA THR A 158 12.15 23.68 15.09
C THR A 158 12.02 22.69 16.24
N ALA A 159 11.99 23.19 17.46
CA ALA A 159 11.94 22.35 18.65
C ALA A 159 10.89 21.24 18.49
N THR A 160 9.70 21.62 18.05
CA THR A 160 8.59 20.67 17.92
C THR A 160 8.85 19.62 16.84
N ASN A 161 9.42 20.05 15.72
CA ASN A 161 9.67 19.15 14.60
C ASN A 161 10.78 18.14 14.89
N ILE A 162 11.75 18.54 15.72
CA ILE A 162 12.81 17.63 16.13
C ILE A 162 12.23 16.53 17.01
N TYR A 163 11.19 16.86 17.76
CA TYR A 163 10.48 15.87 18.56
C TYR A 163 9.61 15.02 17.66
N ILE A 164 8.99 15.65 16.67
CA ILE A 164 8.20 14.92 15.68
C ILE A 164 9.10 13.93 14.97
N PHE A 165 10.31 14.36 14.66
CA PHE A 165 11.29 13.48 14.02
C PHE A 165 11.51 12.24 14.88
N ASN A 166 11.61 12.45 16.17
CA ASN A 166 11.83 11.36 17.12
C ASN A 166 10.68 10.35 17.05
N LEU A 167 9.45 10.86 16.96
CA LEU A 167 8.27 10.00 16.85
C LEU A 167 8.32 9.19 15.56
N ALA A 168 8.60 9.86 14.45
CA ALA A 168 8.64 9.21 13.14
C ALA A 168 9.69 8.11 13.11
N LEU A 169 10.85 8.39 13.71
CA LEU A 169 11.93 7.40 13.80
C LEU A 169 11.43 6.14 14.51
N ALA A 170 10.80 6.34 15.66
CA ALA A 170 10.26 5.22 16.42
C ALA A 170 9.22 4.45 15.61
N ASP A 171 8.26 5.18 15.04
CA ASP A 171 7.22 4.57 14.23
C ASP A 171 7.82 3.73 13.11
N THR A 172 8.89 4.25 12.50
CA THR A 172 9.57 3.54 11.42
C THR A 172 10.02 2.17 11.89
N LEU A 173 10.75 2.14 13.00
CA LEU A 173 11.27 0.89 13.55
C LEU A 173 10.16 -0.15 13.76
N VAL A 174 9.12 0.25 14.48
CA VAL A 174 8.03 -0.68 14.81
C VAL A 174 7.26 -1.11 13.56
N LEU A 175 7.12 -0.20 12.60
CA LEU A 175 6.46 -0.52 11.35
C LEU A 175 7.18 -1.66 10.62
N LEU A 176 8.51 -1.66 10.71
CA LEU A 176 9.32 -2.69 10.05
C LEU A 176 9.06 -4.08 10.61
N THR A 177 8.44 -4.17 11.79
CA THR A 177 8.23 -5.46 12.43
C THR A 177 6.88 -6.08 12.07
N LEU A 178 5.97 -5.28 11.51
CA LEU A 178 4.63 -5.76 11.20
C LEU A 178 4.64 -6.93 10.22
N PRO A 179 5.49 -6.85 9.19
CA PRO A 179 5.63 -7.97 8.26
C PRO A 179 5.98 -9.26 9.00
N PHE A 180 6.85 -9.15 10.00
CA PHE A 180 7.30 -10.30 10.78
C PHE A 180 6.21 -10.80 11.72
N GLN A 181 5.61 -9.89 12.49
CA GLN A 181 4.54 -10.24 13.40
C GLN A 181 3.36 -10.81 12.62
N GLY A 182 3.15 -10.29 11.42
CA GLY A 182 2.05 -10.72 10.58
C GLY A 182 2.11 -12.20 10.23
N THR A 183 3.32 -12.71 10.00
CA THR A 183 3.47 -14.10 9.60
C THR A 183 3.28 -15.01 10.80
N ASP A 184 3.72 -14.54 11.96
CA ASP A 184 3.57 -15.30 13.21
C ASP A 184 2.09 -15.54 13.47
N ILE A 185 1.28 -14.51 13.21
CA ILE A 185 -0.16 -14.63 13.37
C ILE A 185 -0.75 -15.67 12.42
N LEU A 186 -0.24 -15.71 11.19
CA LEU A 186 -0.70 -16.70 10.22
C LEU A 186 -0.27 -18.10 10.60
N LEU A 187 1.04 -18.31 10.68
CA LEU A 187 1.59 -19.64 10.94
C LEU A 187 1.19 -20.18 12.30
N GLY A 188 1.03 -19.28 13.26
CA GLY A 188 0.72 -19.67 14.63
C GLY A 188 1.97 -20.00 15.44
N PHE A 189 3.12 -19.48 15.01
CA PHE A 189 4.37 -19.71 15.71
C PHE A 189 5.44 -18.76 15.18
N TRP A 190 6.58 -18.68 15.85
CA TRP A 190 7.66 -17.78 15.45
C TRP A 190 8.77 -18.54 14.70
N PRO A 191 8.81 -18.37 13.37
CA PRO A 191 9.81 -19.08 12.57
C PRO A 191 11.04 -18.26 12.19
N PHE A 192 11.36 -17.21 12.96
CA PHE A 192 12.52 -16.38 12.62
C PHE A 192 13.66 -16.53 13.62
N GLY A 193 13.48 -17.39 14.62
CA GLY A 193 14.52 -17.66 15.60
C GLY A 193 14.57 -16.66 16.75
N ASN A 194 15.62 -16.76 17.55
CA ASN A 194 15.75 -15.95 18.75
C ASN A 194 16.22 -14.52 18.49
N ALA A 195 17.30 -14.38 17.73
CA ALA A 195 17.88 -13.06 17.47
C ALA A 195 16.80 -12.06 17.09
N LEU A 196 16.00 -12.39 16.08
CA LEU A 196 14.93 -11.50 15.62
C LEU A 196 13.80 -11.39 16.64
N CYS A 197 13.61 -12.44 17.44
CA CYS A 197 12.64 -12.40 18.51
C CYS A 197 12.97 -11.28 19.50
N LYS A 198 14.21 -11.31 20.00
CA LYS A 198 14.67 -10.29 20.93
C LYS A 198 14.62 -8.92 20.28
N THR A 199 15.01 -8.85 19.01
CA THR A 199 15.04 -7.58 18.29
C THR A 199 13.65 -6.97 18.20
N VAL A 200 12.66 -7.79 17.89
CA VAL A 200 11.29 -7.32 17.75
C VAL A 200 10.71 -6.85 19.08
N ILE A 201 10.92 -7.63 20.13
CA ILE A 201 10.39 -7.28 21.44
C ILE A 201 10.96 -5.94 21.93
N ALA A 202 12.27 -5.76 21.77
CA ALA A 202 12.91 -4.50 22.14
C ALA A 202 12.21 -3.32 21.49
N ILE A 203 12.18 -3.32 20.15
CA ILE A 203 11.55 -2.23 19.40
C ILE A 203 10.16 -1.93 19.93
N ASP A 204 9.36 -2.97 20.12
CA ASP A 204 7.99 -2.83 20.58
C ASP A 204 7.88 -2.00 21.86
N TYR A 205 8.77 -2.27 22.82
CA TYR A 205 8.78 -1.52 24.06
C TYR A 205 9.43 -0.16 23.85
N TYR A 206 10.55 -0.14 23.15
CA TYR A 206 11.20 1.13 22.80
C TYR A 206 10.16 2.08 22.20
N ASN A 207 9.33 1.55 21.31
CA ASN A 207 8.28 2.33 20.68
C ASN A 207 7.38 3.00 21.72
N MET A 208 6.79 2.20 22.59
CA MET A 208 5.85 2.70 23.59
C MET A 208 6.47 3.79 24.46
N PHE A 209 7.67 3.52 24.97
CA PHE A 209 8.33 4.45 25.88
C PHE A 209 8.78 5.73 25.19
N THR A 210 9.48 5.60 24.06
CA THR A 210 9.97 6.78 23.33
C THR A 210 8.80 7.65 22.89
N SER A 211 7.69 7.01 22.52
CA SER A 211 6.51 7.74 22.08
C SER A 211 5.97 8.65 23.18
N THR A 212 5.59 8.05 24.31
CA THR A 212 5.03 8.81 25.43
C THR A 212 6.00 9.88 25.92
N PHE A 213 7.24 9.48 26.17
CA PHE A 213 8.26 10.42 26.66
C PHE A 213 8.45 11.59 25.71
N THR A 214 8.43 11.31 24.40
CA THR A 214 8.57 12.38 23.41
C THR A 214 7.35 13.29 23.44
N LEU A 215 6.16 12.70 23.52
CA LEU A 215 4.93 13.47 23.62
C LEU A 215 4.97 14.40 24.84
N THR A 216 5.42 13.85 25.96
CA THR A 216 5.55 14.64 27.19
C THR A 216 6.49 15.82 26.96
N ALA A 217 7.64 15.52 26.36
CA ALA A 217 8.61 16.57 26.06
C ALA A 217 7.98 17.66 25.20
N MET A 218 7.26 17.24 24.16
CA MET A 218 6.59 18.18 23.27
C MET A 218 5.62 19.05 24.06
N SER A 219 4.90 18.43 24.99
CA SER A 219 3.90 19.13 25.79
C SER A 219 4.54 20.21 26.67
N VAL A 220 5.63 19.86 27.33
CA VAL A 220 6.36 20.82 28.15
C VAL A 220 6.89 21.94 27.27
N ASP A 221 7.44 21.57 26.11
CA ASP A 221 7.91 22.56 25.16
C ASP A 221 6.82 23.57 24.84
N ARG A 222 5.62 23.06 24.56
CA ARG A 222 4.47 23.91 24.29
C ARG A 222 4.22 24.86 25.45
N TYR A 223 4.11 24.31 26.66
CA TYR A 223 3.82 25.11 27.83
C TYR A 223 4.84 26.24 28.01
N VAL A 224 6.12 25.92 27.78
CA VAL A 224 7.18 26.91 27.90
C VAL A 224 6.95 28.06 26.92
N ALA A 225 6.58 27.72 25.69
CA ALA A 225 6.34 28.72 24.66
C ALA A 225 5.19 29.63 25.07
N ILE A 226 4.13 29.04 25.62
CA ILE A 226 2.93 29.79 25.96
C ILE A 226 3.12 30.69 27.18
N CYS A 227 3.91 30.25 28.14
CA CYS A 227 4.07 30.99 29.39
C CYS A 227 5.37 31.79 29.41
N HIS A 228 6.39 31.29 28.73
CA HIS A 228 7.68 31.97 28.65
C HIS A 228 8.00 32.37 27.20
N PRO A 229 7.16 33.24 26.61
CA PRO A 229 7.34 33.65 25.22
C PRO A 229 8.59 34.51 25.02
N THR A 237 15.60 26.20 21.08
CA THR A 237 16.59 25.78 20.09
C THR A 237 16.44 24.30 19.77
N SER A 238 16.77 23.92 18.53
CA SER A 238 16.65 22.54 18.08
C SER A 238 17.74 21.68 18.71
N SER A 239 18.92 22.25 18.86
CA SER A 239 20.03 21.59 19.55
C SER A 239 19.60 20.99 20.88
N LYS A 240 18.83 21.75 21.66
CA LYS A 240 18.38 21.29 22.96
C LYS A 240 17.33 20.20 22.81
N ALA A 241 16.39 20.40 21.88
CA ALA A 241 15.38 19.40 21.60
C ALA A 241 16.05 18.11 21.13
N GLN A 242 17.16 18.26 20.41
CA GLN A 242 17.94 17.11 19.98
C GLN A 242 18.54 16.39 21.18
N ALA A 243 19.03 17.16 22.15
CA ALA A 243 19.59 16.61 23.38
C ALA A 243 18.53 15.78 24.12
N VAL A 244 17.31 16.32 24.22
CA VAL A 244 16.23 15.63 24.90
C VAL A 244 15.95 14.27 24.27
N ASN A 245 15.86 14.23 22.95
CA ASN A 245 15.64 12.99 22.24
C ASN A 245 16.64 11.93 22.70
N VAL A 246 17.89 12.35 22.88
CA VAL A 246 18.93 11.45 23.36
C VAL A 246 18.58 10.92 24.74
N ALA A 247 18.20 11.82 25.63
CA ALA A 247 17.82 11.44 26.99
C ALA A 247 16.59 10.52 26.95
N ILE A 248 15.73 10.73 25.96
CA ILE A 248 14.52 9.92 25.82
C ILE A 248 14.85 8.49 25.42
N TRP A 249 15.82 8.34 24.53
CA TRP A 249 16.25 7.00 24.10
C TRP A 249 17.11 6.35 25.19
N ALA A 250 17.71 7.18 26.04
CA ALA A 250 18.50 6.68 27.15
C ALA A 250 17.58 6.13 28.24
N LEU A 251 16.52 6.85 28.55
CA LEU A 251 15.53 6.36 29.51
C LEU A 251 14.85 5.10 29.01
N ALA A 252 14.46 5.11 27.73
CA ALA A 252 13.74 3.98 27.14
C ALA A 252 14.54 2.68 27.25
N SER A 253 15.84 2.76 26.99
CA SER A 253 16.71 1.59 27.02
C SER A 253 16.77 0.94 28.40
N VAL A 254 16.43 1.69 29.43
CA VAL A 254 16.38 1.15 30.78
C VAL A 254 15.39 -0.01 30.87
N VAL A 255 14.41 -0.01 29.97
CA VAL A 255 13.45 -1.11 29.88
C VAL A 255 13.66 -1.90 28.59
N GLY A 256 14.08 -1.21 27.53
CA GLY A 256 14.26 -1.85 26.23
C GLY A 256 15.27 -2.98 26.25
N VAL A 257 16.49 -2.68 26.71
CA VAL A 257 17.56 -3.67 26.68
C VAL A 257 17.25 -4.85 27.60
N PRO A 258 16.81 -4.56 28.82
CA PRO A 258 16.44 -5.61 29.78
C PRO A 258 15.41 -6.57 29.20
N VAL A 259 14.35 -6.02 28.63
CA VAL A 259 13.29 -6.83 28.03
C VAL A 259 13.83 -7.66 26.88
N ALA A 260 14.76 -7.09 26.12
CA ALA A 260 15.38 -7.80 25.01
C ALA A 260 16.09 -9.05 25.52
N ILE A 261 16.78 -8.92 26.64
CA ILE A 261 17.48 -10.04 27.25
C ILE A 261 16.49 -11.10 27.74
N MET A 262 15.42 -10.65 28.39
CA MET A 262 14.41 -11.56 28.93
C MET A 262 13.60 -12.24 27.84
N GLY A 263 13.41 -11.55 26.72
CA GLY A 263 12.62 -12.07 25.62
C GLY A 263 13.33 -13.19 24.88
N SER A 264 12.55 -14.14 24.38
CA SER A 264 13.11 -15.26 23.61
C SER A 264 12.00 -16.10 22.98
N ALA A 265 12.39 -17.08 22.17
CA ALA A 265 11.43 -17.94 21.50
C ALA A 265 11.57 -19.36 22.03
N GLN A 266 10.62 -19.78 22.86
CA GLN A 266 10.79 -21.01 23.62
C GLN A 266 9.76 -22.07 23.28
N VAL A 267 10.15 -23.06 22.48
CA VAL A 267 9.27 -24.18 22.22
C VAL A 267 8.97 -24.93 23.53
N GLU A 268 7.83 -24.64 24.17
CA GLU A 268 7.56 -25.26 25.46
C GLU A 268 6.78 -26.57 25.35
N ASP A 269 5.48 -26.49 25.08
CA ASP A 269 4.70 -27.67 24.72
C ASP A 269 3.96 -27.38 23.41
N GLU A 270 4.02 -28.29 22.46
CA GLU A 270 3.28 -28.12 21.19
C GLU A 270 3.93 -27.13 20.23
N GLU A 271 4.16 -25.88 20.64
CA GLU A 271 4.62 -24.87 19.69
C GLU A 271 5.74 -23.96 20.21
N ILE A 272 6.58 -23.49 19.30
CA ILE A 272 7.59 -22.48 19.62
C ILE A 272 6.97 -21.10 19.44
N GLU A 273 7.31 -20.17 20.32
CA GLU A 273 6.67 -18.86 20.31
C GLU A 273 7.55 -17.78 20.93
N CYS A 274 7.39 -16.56 20.42
CA CYS A 274 8.16 -15.42 20.90
C CYS A 274 7.42 -14.74 22.06
N LEU A 275 8.14 -14.49 23.15
CA LEU A 275 7.52 -13.85 24.32
C LEU A 275 8.56 -13.43 25.36
N VAL A 276 8.12 -12.65 26.34
CA VAL A 276 8.98 -12.23 27.44
C VAL A 276 8.78 -13.13 28.67
N GLU A 277 9.88 -13.58 29.24
CA GLU A 277 9.83 -14.54 30.34
C GLU A 277 9.75 -13.82 31.69
N ILE A 278 8.72 -14.15 32.46
CA ILE A 278 8.54 -13.55 33.78
C ILE A 278 9.10 -14.48 34.84
N PRO A 279 9.99 -13.94 35.69
CA PRO A 279 10.70 -14.73 36.71
C PRO A 279 9.76 -15.44 37.68
N THR A 280 10.27 -16.50 38.32
CA THR A 280 9.50 -17.26 39.30
C THR A 280 9.68 -16.65 40.69
N PRO A 281 8.58 -16.54 41.45
CA PRO A 281 7.21 -16.89 41.05
C PRO A 281 6.56 -15.82 40.19
N GLN A 282 5.85 -16.24 39.14
CA GLN A 282 5.19 -15.32 38.23
C GLN A 282 4.03 -14.61 38.90
N ASP A 283 3.42 -15.27 39.89
CA ASP A 283 2.28 -14.72 40.59
C ASP A 283 2.64 -13.46 41.38
N TYR A 284 3.93 -13.26 41.61
CA TYR A 284 4.41 -12.06 42.29
C TYR A 284 4.94 -11.05 41.29
N TRP A 285 5.96 -11.45 40.52
CA TRP A 285 6.60 -10.56 39.56
C TRP A 285 5.65 -10.14 38.45
N GLY A 286 4.72 -11.02 38.09
CA GLY A 286 3.73 -10.71 37.08
C GLY A 286 3.10 -9.36 37.33
N PRO A 287 2.37 -9.22 38.44
CA PRO A 287 1.75 -7.96 38.88
C PRO A 287 2.76 -6.83 39.04
N VAL A 288 3.96 -7.14 39.53
CA VAL A 288 4.99 -6.14 39.76
C VAL A 288 5.37 -5.42 38.46
N PHE A 289 5.73 -6.19 37.44
CA PHE A 289 6.09 -5.62 36.15
C PHE A 289 4.84 -5.08 35.46
N ALA A 290 3.72 -5.75 35.66
CA ALA A 290 2.47 -5.32 35.05
C ALA A 290 2.11 -3.91 35.50
N ILE A 291 2.17 -3.67 36.80
CA ILE A 291 1.81 -2.37 37.36
C ILE A 291 2.85 -1.32 36.98
N CYS A 292 4.12 -1.65 37.18
CA CYS A 292 5.19 -0.68 36.94
C CYS A 292 5.19 -0.17 35.51
N ILE A 293 5.15 -1.09 34.55
CA ILE A 293 5.17 -0.72 33.14
C ILE A 293 3.93 0.11 32.77
N PHE A 294 2.81 -0.20 33.41
CA PHE A 294 1.57 0.56 33.19
C PHE A 294 1.77 2.00 33.61
N LEU A 295 2.23 2.20 34.84
CA LEU A 295 2.42 3.53 35.40
C LEU A 295 3.45 4.35 34.65
N PHE A 296 4.64 3.79 34.47
CA PHE A 296 5.79 4.56 34.01
C PHE A 296 5.90 4.66 32.49
N SER A 297 5.21 3.78 31.77
CA SER A 297 5.24 3.84 30.31
C SER A 297 4.06 4.62 29.74
N PHE A 298 3.00 4.74 30.54
CA PHE A 298 1.75 5.33 30.05
C PHE A 298 1.18 6.40 30.98
N ILE A 299 0.73 5.99 32.16
CA ILE A 299 0.00 6.90 33.05
C ILE A 299 0.78 8.17 33.40
N VAL A 300 1.95 8.00 34.01
CA VAL A 300 2.71 9.14 34.52
C VAL A 300 3.04 10.14 33.42
N PRO A 301 3.53 9.66 32.27
CA PRO A 301 3.77 10.57 31.14
C PRO A 301 2.52 11.34 30.77
N VAL A 302 1.40 10.63 30.62
CA VAL A 302 0.13 11.26 30.30
C VAL A 302 -0.28 12.23 31.40
N LEU A 303 0.00 11.85 32.64
CA LEU A 303 -0.31 12.71 33.78
C LEU A 303 0.39 14.05 33.65
N VAL A 304 1.70 14.00 33.39
CA VAL A 304 2.48 15.22 33.22
C VAL A 304 1.89 16.05 32.09
N ILE A 305 1.63 15.42 30.96
CA ILE A 305 1.04 16.10 29.81
C ILE A 305 -0.21 16.87 30.20
N SER A 306 -1.06 16.24 31.01
CA SER A 306 -2.28 16.89 31.47
C SER A 306 -1.97 18.17 32.25
N VAL A 307 -0.96 18.10 33.10
CA VAL A 307 -0.57 19.26 33.91
C VAL A 307 -0.16 20.42 33.03
N CYS A 308 0.64 20.12 32.01
CA CYS A 308 1.14 21.15 31.10
C CYS A 308 0.00 21.95 30.49
N TYR A 309 -0.95 21.25 29.89
CA TYR A 309 -2.07 21.90 29.22
C TYR A 309 -2.99 22.59 30.21
N SER A 310 -3.20 21.97 31.36
CA SER A 310 -4.00 22.58 32.43
C SER A 310 -3.42 23.93 32.85
N LEU A 311 -2.09 24.00 32.91
CA LEU A 311 -1.41 25.22 33.31
C LEU A 311 -1.50 26.28 32.22
N MET A 312 -1.48 25.84 30.97
CA MET A 312 -1.67 26.75 29.87
C MET A 312 -3.03 27.41 30.05
N ILE A 313 -4.05 26.58 30.27
CA ILE A 313 -5.43 27.04 30.35
C ILE A 313 -5.58 28.23 31.29
N ARG A 314 -5.05 28.10 32.50
CA ARG A 314 -5.14 29.16 33.48
C ARG A 314 -4.32 30.37 33.04
N ARG A 315 -3.23 30.12 32.33
CA ARG A 315 -2.40 31.21 31.84
C ARG A 315 -3.08 31.95 30.69
N LEU A 316 -3.65 31.20 29.76
CA LEU A 316 -4.22 31.79 28.55
C LEU A 316 -5.43 32.66 28.84
N ARG A 317 -6.21 32.28 29.85
CA ARG A 317 -7.41 33.02 30.23
C ARG A 317 -7.13 34.53 30.31
N GLY A 318 -7.82 35.30 29.49
CA GLY A 318 -7.61 36.74 29.45
C GLY A 318 -6.56 37.13 28.42
N VAL A 319 -6.11 36.17 27.62
CA VAL A 319 -5.06 36.41 26.63
C VAL A 319 -5.58 36.38 25.20
N ARG A 320 -6.28 37.43 24.81
CA ARG A 320 -6.72 37.60 23.42
C ARG A 320 -5.71 38.45 22.68
N LEU A 321 -5.02 37.84 21.73
CA LEU A 321 -3.97 38.52 20.97
C LEU A 321 -2.89 39.08 21.90
N LEU A 322 -2.84 38.56 23.13
CA LEU A 322 -1.88 39.03 24.11
C LEU A 322 -0.67 38.12 24.15
N SER A 323 0.37 38.55 24.87
CA SER A 323 1.61 37.79 24.97
C SER A 323 2.32 37.71 23.61
N GLY A 324 2.67 38.88 23.07
CA GLY A 324 3.41 38.94 21.83
C GLY A 324 2.75 39.83 20.79
N SER A 325 2.74 39.37 19.54
CA SER A 325 2.18 40.14 18.44
C SER A 325 1.28 39.26 17.56
N ARG A 326 0.20 39.85 17.07
CA ARG A 326 -0.84 39.12 16.35
C ARG A 326 -0.31 38.09 15.34
N GLU A 327 0.58 38.54 14.46
CA GLU A 327 1.00 37.72 13.32
C GLU A 327 1.45 36.32 13.73
N LYS A 328 2.23 36.24 14.82
CA LYS A 328 2.88 35.00 15.20
C LYS A 328 2.11 34.15 16.20
N ASP A 329 1.06 34.70 16.79
CA ASP A 329 0.31 34.00 17.83
C ASP A 329 -0.43 32.78 17.29
N ARG A 330 -1.07 32.92 16.14
CA ARG A 330 -1.86 31.84 15.57
C ARG A 330 -1.04 30.56 15.46
N ASN A 331 0.24 30.69 15.14
CA ASN A 331 1.13 29.54 15.06
C ASN A 331 1.20 28.79 16.39
N LEU A 332 1.54 29.52 17.45
CA LEU A 332 1.56 28.95 18.80
C LEU A 332 0.28 28.17 19.06
N ARG A 333 -0.85 28.81 18.82
CA ARG A 333 -2.15 28.16 18.99
C ARG A 333 -2.28 26.94 18.09
N ARG A 334 -1.88 27.09 16.83
CA ARG A 334 -1.97 26.00 15.85
C ARG A 334 -0.99 24.86 16.17
N ILE A 335 0.21 25.22 16.60
CA ILE A 335 1.21 24.22 16.95
C ILE A 335 0.83 23.53 18.26
N THR A 336 0.21 24.28 19.16
CA THR A 336 -0.27 23.71 20.41
C THR A 336 -1.44 22.77 20.15
N ARG A 337 -2.33 23.21 19.26
CA ARG A 337 -3.49 22.40 18.87
C ARG A 337 -3.02 21.10 18.24
N LEU A 338 -1.92 21.16 17.49
CA LEU A 338 -1.36 19.98 16.85
C LEU A 338 -0.90 18.97 17.89
N VAL A 339 -0.03 19.41 18.80
CA VAL A 339 0.51 18.53 19.83
C VAL A 339 -0.61 17.83 20.59
N LEU A 340 -1.69 18.56 20.88
CA LEU A 340 -2.78 18.00 21.66
C LEU A 340 -3.51 16.89 20.93
N VAL A 341 -3.73 17.06 19.63
CA VAL A 341 -4.41 16.05 18.83
C VAL A 341 -3.56 14.78 18.72
N VAL A 342 -2.27 14.94 18.51
CA VAL A 342 -1.37 13.79 18.42
C VAL A 342 -1.45 12.96 19.70
N VAL A 343 -1.44 13.65 20.84
CA VAL A 343 -1.54 12.99 22.13
C VAL A 343 -2.88 12.28 22.24
N ALA A 344 -3.95 13.01 21.98
CA ALA A 344 -5.30 12.44 22.00
C ALA A 344 -5.34 11.15 21.18
N VAL A 345 -4.92 11.25 19.92
CA VAL A 345 -4.95 10.10 19.02
C VAL A 345 -4.11 8.94 19.54
N PHE A 346 -2.94 9.24 20.08
CA PHE A 346 -2.07 8.20 20.63
C PHE A 346 -2.73 7.49 21.81
N VAL A 347 -3.14 8.28 22.79
CA VAL A 347 -3.78 7.72 23.98
C VAL A 347 -5.00 6.88 23.58
N GLY A 348 -5.74 7.35 22.59
CA GLY A 348 -6.92 6.66 22.12
C GLY A 348 -6.61 5.29 21.55
N CYS A 349 -5.46 5.17 20.90
CA CYS A 349 -5.11 3.93 20.19
C CYS A 349 -4.48 2.88 21.11
N TRP A 350 -3.87 3.33 22.20
CA TRP A 350 -3.07 2.43 23.03
C TRP A 350 -3.66 2.16 24.42
N THR A 351 -4.80 2.76 24.73
CA THR A 351 -5.39 2.57 26.05
C THR A 351 -6.03 1.18 26.19
N PRO A 352 -6.81 0.76 25.19
CA PRO A 352 -7.39 -0.59 25.26
C PRO A 352 -6.33 -1.66 25.46
N VAL A 353 -5.21 -1.54 24.76
CA VAL A 353 -4.14 -2.53 24.88
C VAL A 353 -3.47 -2.45 26.24
N GLN A 354 -3.21 -1.23 26.70
CA GLN A 354 -2.55 -1.02 27.99
C GLN A 354 -3.31 -1.69 29.13
N VAL A 355 -4.63 -1.53 29.14
CA VAL A 355 -5.47 -2.12 30.18
C VAL A 355 -5.49 -3.64 30.07
N PHE A 356 -5.63 -4.15 28.84
CA PHE A 356 -5.65 -5.59 28.61
C PHE A 356 -4.34 -6.22 29.05
N VAL A 357 -3.23 -5.69 28.53
CA VAL A 357 -1.91 -6.18 28.92
C VAL A 357 -1.74 -6.12 30.44
N LEU A 358 -2.22 -5.04 31.05
CA LEU A 358 -2.19 -4.91 32.50
C LEU A 358 -2.94 -6.07 33.13
N ALA A 359 -4.13 -6.36 32.61
CA ALA A 359 -4.96 -7.42 33.14
C ALA A 359 -4.27 -8.78 32.98
N GLN A 360 -3.64 -9.00 31.83
CA GLN A 360 -2.91 -10.24 31.58
C GLN A 360 -1.81 -10.45 32.61
N GLY A 361 -1.18 -9.36 33.03
CA GLY A 361 -0.13 -9.44 34.03
C GLY A 361 -0.67 -9.93 35.36
N LEU A 362 -1.94 -9.61 35.61
CA LEU A 362 -2.58 -9.98 36.86
C LEU A 362 -3.16 -11.38 36.79
N GLY A 363 -2.95 -12.06 35.67
CA GLY A 363 -3.39 -13.43 35.51
C GLY A 363 -4.67 -13.58 34.70
N VAL A 364 -5.39 -12.48 34.50
CA VAL A 364 -6.61 -12.51 33.69
C VAL A 364 -6.28 -12.85 32.25
N GLN A 365 -6.61 -14.08 31.84
CA GLN A 365 -6.23 -14.57 30.52
C GLN A 365 -7.47 -14.81 29.65
N PRO A 366 -7.39 -14.42 28.37
CA PRO A 366 -8.49 -14.69 27.44
C PRO A 366 -8.52 -16.16 27.02
N SER A 367 -9.70 -16.77 26.96
CA SER A 367 -9.82 -18.18 26.62
C SER A 367 -11.00 -18.45 25.69
N SER A 368 -11.35 -17.47 24.86
CA SER A 368 -12.40 -17.65 23.88
C SER A 368 -12.01 -16.96 22.57
N GLU A 369 -12.61 -17.42 21.47
CA GLU A 369 -12.31 -16.90 20.15
C GLU A 369 -12.53 -15.40 20.11
N THR A 370 -13.65 -14.96 20.66
CA THR A 370 -14.00 -13.55 20.70
C THR A 370 -12.97 -12.75 21.50
N ALA A 371 -12.60 -13.29 22.66
CA ALA A 371 -11.62 -12.64 23.51
C ALA A 371 -10.33 -12.40 22.73
N VAL A 372 -9.79 -13.47 22.14
CA VAL A 372 -8.58 -13.39 21.34
C VAL A 372 -8.72 -12.37 20.22
N ALA A 373 -9.81 -12.48 19.47
CA ALA A 373 -10.06 -11.59 18.34
C ALA A 373 -10.00 -10.13 18.76
N ILE A 374 -10.76 -9.77 19.80
CA ILE A 374 -10.78 -8.41 20.31
C ILE A 374 -9.36 -7.96 20.62
N LEU A 375 -8.60 -8.82 21.28
CA LEU A 375 -7.23 -8.52 21.65
C LEU A 375 -6.39 -8.27 20.40
N ARG A 376 -6.51 -9.15 19.42
CA ARG A 376 -5.75 -9.03 18.18
C ARG A 376 -6.01 -7.69 17.52
N PHE A 377 -7.27 -7.25 17.56
CA PHE A 377 -7.66 -6.01 16.88
C PHE A 377 -7.24 -4.76 17.66
N CYS A 378 -7.30 -4.83 18.98
CA CYS A 378 -6.85 -3.73 19.81
C CYS A 378 -5.34 -3.57 19.73
N THR A 379 -4.64 -4.70 19.60
CA THR A 379 -3.20 -4.67 19.39
C THR A 379 -2.90 -4.06 18.02
N ALA A 380 -3.74 -4.42 17.04
CA ALA A 380 -3.62 -3.84 15.71
C ALA A 380 -3.91 -2.34 15.77
N LEU A 381 -5.02 -1.99 16.41
CA LEU A 381 -5.42 -0.59 16.56
C LEU A 381 -4.29 0.29 17.07
N GLY A 382 -3.47 -0.27 17.96
CA GLY A 382 -2.31 0.44 18.46
C GLY A 382 -1.30 0.68 17.37
N TYR A 383 -1.02 -0.36 16.59
CA TYR A 383 -0.03 -0.27 15.51
C TYR A 383 -0.49 0.66 14.39
N VAL A 384 -1.80 0.89 14.30
CA VAL A 384 -2.34 1.82 13.32
C VAL A 384 -1.92 3.24 13.68
N ASN A 385 -1.71 3.49 14.97
CA ASN A 385 -1.29 4.82 15.41
C ASN A 385 -0.01 5.28 14.71
N SER A 386 0.86 4.32 14.40
CA SER A 386 2.14 4.62 13.79
C SER A 386 1.97 5.37 12.47
N CYS A 387 1.03 4.92 11.65
CA CYS A 387 0.83 5.50 10.33
C CYS A 387 -0.09 6.72 10.35
N LEU A 388 -0.76 6.96 11.48
CA LEU A 388 -1.71 8.05 11.58
C LEU A 388 -1.04 9.42 11.70
N ASN A 389 0.08 9.48 12.42
CA ASN A 389 0.76 10.75 12.70
C ASN A 389 1.01 11.62 11.47
N PRO A 390 1.65 11.04 10.45
CA PRO A 390 1.98 11.80 9.23
C PRO A 390 0.77 12.52 8.66
N ILE A 391 -0.38 11.86 8.67
CA ILE A 391 -1.62 12.42 8.15
C ILE A 391 -2.08 13.60 9.02
N LEU A 392 -1.94 13.46 10.33
CA LEU A 392 -2.28 14.53 11.25
C LEU A 392 -1.43 15.77 10.99
N TYR A 393 -0.13 15.57 10.78
CA TYR A 393 0.76 16.69 10.46
C TYR A 393 0.31 17.33 9.16
N ALA A 394 -0.09 16.51 8.20
CA ALA A 394 -0.49 16.98 6.88
C ALA A 394 -1.72 17.89 6.95
N PHE A 395 -2.63 17.57 7.87
CA PHE A 395 -3.90 18.30 7.97
C PHE A 395 -3.85 19.46 8.95
N LEU A 396 -3.01 19.37 9.98
CA LEU A 396 -3.01 20.36 11.05
C LEU A 396 -1.73 21.19 11.12
N ASP A 397 -0.79 20.95 10.22
CA ASP A 397 0.44 21.73 10.18
C ASP A 397 0.64 22.35 8.80
N GLU A 398 0.64 23.68 8.75
CA GLU A 398 0.76 24.40 7.48
C GLU A 398 2.03 24.03 6.74
N ASN A 399 3.17 24.11 7.42
CA ASN A 399 4.45 23.82 6.80
C ASN A 399 4.45 22.43 6.17
N PHE A 400 4.12 21.41 6.96
CA PHE A 400 4.06 20.05 6.46
C PHE A 400 3.03 19.93 5.33
N LYS A 401 1.90 20.60 5.50
CA LYS A 401 0.83 20.57 4.52
C LYS A 401 1.31 21.11 3.17
N ALA A 402 2.36 21.92 3.21
CA ALA A 402 2.90 22.54 2.01
C ALA A 402 3.87 21.62 1.27
N CYS A 403 4.67 20.87 2.02
CA CYS A 403 5.72 20.04 1.43
C CYS A 403 5.17 18.77 0.76
N PHE A 404 3.91 18.44 1.04
CA PHE A 404 3.30 17.29 0.39
C PHE A 404 2.82 17.64 -1.02
N ARG A 405 1.71 18.37 -1.11
CA ARG A 405 1.13 18.74 -2.39
C ARG A 405 0.14 19.89 -2.21
N LEU B 13 -10.77 19.56 -26.41
CA LEU B 13 -11.33 20.15 -25.21
C LEU B 13 -10.25 20.44 -24.18
N GLU B 14 -9.29 19.53 -24.05
CA GLU B 14 -8.15 19.74 -23.18
C GLU B 14 -7.43 21.03 -23.59
N ASP B 15 -7.58 21.36 -24.87
CA ASP B 15 -7.01 22.59 -25.41
C ASP B 15 -7.77 23.81 -24.88
N ASN B 16 -9.08 23.82 -25.12
CA ASN B 16 -9.94 24.91 -24.66
C ASN B 16 -9.86 25.10 -23.15
N TRP B 17 -9.71 23.99 -22.42
CA TRP B 17 -9.62 24.03 -20.97
C TRP B 17 -8.48 24.94 -20.51
N GLU B 18 -7.35 24.86 -21.22
CA GLU B 18 -6.18 25.66 -20.86
C GLU B 18 -6.32 27.08 -21.38
N THR B 19 -7.02 27.23 -22.50
CA THR B 19 -7.29 28.56 -23.04
C THR B 19 -8.14 29.36 -22.06
N LEU B 20 -8.85 28.64 -21.20
CA LEU B 20 -9.71 29.27 -20.20
C LEU B 20 -8.91 29.64 -18.94
N ASN B 21 -7.96 28.78 -18.58
CA ASN B 21 -7.14 29.02 -17.40
C ASN B 21 -6.21 30.21 -17.55
N ASP B 22 -5.51 30.29 -18.69
CA ASP B 22 -4.60 31.40 -18.94
C ASP B 22 -5.35 32.71 -19.04
N ASN B 23 -6.55 32.67 -19.61
CA ASN B 23 -7.39 33.86 -19.72
C ASN B 23 -8.20 34.12 -18.45
N LEU B 24 -8.05 33.25 -17.47
CA LEU B 24 -8.67 33.45 -16.17
C LEU B 24 -7.64 33.97 -15.17
N LYS B 25 -6.37 33.70 -15.44
CA LYS B 25 -5.29 34.20 -14.59
C LYS B 25 -4.80 35.57 -15.10
N VAL B 26 -4.96 35.80 -16.40
CA VAL B 26 -4.61 37.11 -16.97
C VAL B 26 -5.53 38.18 -16.43
N ILE B 27 -6.71 37.78 -15.94
CA ILE B 27 -7.69 38.73 -15.44
C ILE B 27 -7.26 39.39 -14.14
N GLU B 28 -7.17 38.62 -13.07
CA GLU B 28 -6.83 39.19 -11.76
C GLU B 28 -5.35 39.55 -11.65
N LYS B 29 -4.60 39.35 -12.74
CA LYS B 29 -3.22 39.81 -12.81
C LYS B 29 -3.15 41.13 -13.57
N ALA B 30 -4.18 41.39 -14.38
CA ALA B 30 -4.22 42.60 -15.21
C ALA B 30 -4.16 43.87 -14.36
N ASP B 31 -3.62 44.92 -14.97
CA ASP B 31 -3.58 46.24 -14.34
C ASP B 31 -4.30 47.25 -15.24
N ASN B 32 -5.09 46.73 -16.18
CA ASN B 32 -5.78 47.56 -17.14
C ASN B 32 -7.13 46.96 -17.52
N ALA B 33 -8.14 47.80 -17.64
CA ALA B 33 -9.50 47.34 -17.96
C ALA B 33 -9.55 46.65 -19.32
N ALA B 34 -8.68 47.07 -20.24
CA ALA B 34 -8.65 46.49 -21.57
C ALA B 34 -8.19 45.03 -21.54
N GLN B 35 -7.24 44.73 -20.67
CA GLN B 35 -6.71 43.39 -20.54
C GLN B 35 -7.76 42.47 -19.91
N VAL B 36 -8.62 43.06 -19.09
CA VAL B 36 -9.70 42.30 -18.45
C VAL B 36 -10.82 42.02 -19.44
N LYS B 37 -11.34 43.08 -20.05
CA LYS B 37 -12.40 42.95 -21.04
C LYS B 37 -11.98 42.03 -22.19
N ASP B 38 -10.69 42.04 -22.49
CA ASP B 38 -10.16 41.19 -23.55
C ASP B 38 -10.04 39.74 -23.08
N ALA B 39 -9.53 39.55 -21.87
CA ALA B 39 -9.38 38.22 -21.31
C ALA B 39 -10.74 37.54 -21.15
N LEU B 40 -11.71 38.29 -20.62
CA LEU B 40 -13.05 37.76 -20.45
C LEU B 40 -13.68 37.37 -21.77
N THR B 41 -13.32 38.10 -22.84
CA THR B 41 -13.81 37.77 -24.17
C THR B 41 -13.24 36.43 -24.61
N LYS B 42 -11.91 36.34 -24.65
CA LYS B 42 -11.23 35.10 -25.00
C LYS B 42 -11.77 33.96 -24.15
N MET B 43 -11.98 34.24 -22.87
CA MET B 43 -12.42 33.22 -21.91
C MET B 43 -13.83 32.76 -22.21
N ARG B 44 -14.64 33.64 -22.79
CA ARG B 44 -16.03 33.31 -23.08
C ARG B 44 -16.14 32.40 -24.29
N ALA B 45 -15.49 32.80 -25.38
CA ALA B 45 -15.52 32.06 -26.63
C ALA B 45 -15.03 30.63 -26.43
N ALA B 46 -14.14 30.44 -25.46
CA ALA B 46 -13.59 29.12 -25.17
C ALA B 46 -14.64 28.23 -24.51
N ALA B 47 -15.40 28.81 -23.59
CA ALA B 47 -16.43 28.08 -22.87
C ALA B 47 -17.48 27.55 -23.83
N LEU B 48 -17.66 28.24 -24.95
CA LEU B 48 -18.64 27.84 -25.95
C LEU B 48 -18.08 26.76 -26.86
N ASP B 49 -16.80 26.90 -27.23
CA ASP B 49 -16.15 25.91 -28.07
C ASP B 49 -15.82 24.64 -27.28
N ALA B 50 -15.89 24.73 -25.96
CA ALA B 50 -15.67 23.59 -25.08
C ALA B 50 -17.00 22.93 -24.72
N GLN B 51 -18.07 23.71 -24.80
CA GLN B 51 -19.40 23.22 -24.49
C GLN B 51 -19.89 22.24 -25.56
N LYS B 52 -19.41 22.43 -26.78
CA LYS B 52 -19.82 21.59 -27.90
C LYS B 52 -19.00 20.30 -27.92
N ALA B 53 -17.75 20.38 -27.48
CA ALA B 53 -16.85 19.24 -27.48
C ALA B 53 -17.36 18.13 -26.56
N THR B 54 -16.64 17.02 -26.53
CA THR B 54 -17.03 15.87 -25.72
C THR B 54 -15.84 15.35 -24.91
N PRO B 55 -16.00 15.25 -23.59
CA PRO B 55 -14.90 14.74 -22.76
C PRO B 55 -14.63 13.28 -23.06
N PRO B 56 -13.40 12.81 -22.82
CA PRO B 56 -13.08 11.40 -23.06
C PRO B 56 -13.94 10.49 -22.21
N LYS B 57 -14.11 10.86 -20.93
CA LYS B 57 -14.89 10.09 -19.98
C LYS B 57 -16.24 9.66 -20.54
N LEU B 58 -16.80 10.49 -21.42
CA LEU B 58 -18.14 10.24 -21.95
C LEU B 58 -18.14 10.19 -23.47
N GLU B 59 -17.16 9.50 -24.04
CA GLU B 59 -17.08 9.34 -25.48
C GLU B 59 -17.88 8.11 -25.92
N ASP B 60 -18.49 7.44 -24.96
CA ASP B 60 -19.31 6.26 -25.25
C ASP B 60 -20.79 6.55 -25.00
N LYS B 61 -21.10 7.78 -24.59
CA LYS B 61 -22.46 8.15 -24.24
C LYS B 61 -23.11 9.03 -25.33
N SER B 62 -24.44 9.06 -25.32
CA SER B 62 -25.21 9.87 -26.27
C SER B 62 -25.08 11.35 -25.95
N PRO B 63 -25.25 12.21 -26.96
CA PRO B 63 -25.19 13.67 -26.77
C PRO B 63 -26.28 14.23 -25.86
N ASP B 64 -27.26 13.41 -25.48
CA ASP B 64 -28.33 13.88 -24.61
C ASP B 64 -28.48 13.05 -23.34
N SER B 65 -27.52 12.17 -23.08
CA SER B 65 -27.50 11.42 -21.83
C SER B 65 -27.30 12.38 -20.67
N PRO B 66 -27.89 12.08 -19.50
CA PRO B 66 -27.77 12.92 -18.32
C PRO B 66 -26.33 13.36 -18.04
N GLU B 67 -25.40 12.40 -18.07
CA GLU B 67 -24.00 12.68 -17.77
C GLU B 67 -23.44 13.70 -18.76
N MET B 68 -23.90 13.60 -20.00
CA MET B 68 -23.40 14.45 -21.07
C MET B 68 -24.11 15.80 -21.09
N LYS B 69 -25.42 15.77 -20.87
CA LYS B 69 -26.21 16.99 -20.88
C LYS B 69 -25.83 17.88 -19.70
N ASP B 70 -25.51 17.25 -18.58
CA ASP B 70 -25.11 17.99 -17.38
C ASP B 70 -23.67 18.45 -17.46
N PHE B 71 -22.98 18.09 -18.54
CA PHE B 71 -21.63 18.59 -18.79
C PHE B 71 -21.70 19.88 -19.61
N ARG B 72 -22.69 19.95 -20.49
CA ARG B 72 -22.91 21.14 -21.29
C ARG B 72 -23.64 22.20 -20.46
N HIS B 73 -24.26 21.77 -19.36
CA HIS B 73 -24.95 22.70 -18.47
C HIS B 73 -23.93 23.46 -17.63
N GLY B 74 -22.89 22.77 -17.19
CA GLY B 74 -21.82 23.41 -16.46
C GLY B 74 -21.24 24.56 -17.25
N PHE B 75 -21.26 24.44 -18.58
CA PHE B 75 -20.71 25.47 -19.44
C PHE B 75 -21.69 26.61 -19.68
N ASP B 76 -22.97 26.36 -19.41
CA ASP B 76 -23.98 27.41 -19.52
C ASP B 76 -23.90 28.35 -18.33
N ILE B 77 -23.98 27.77 -17.13
CA ILE B 77 -23.85 28.53 -15.90
C ILE B 77 -22.55 29.34 -15.90
N LEU B 78 -21.47 28.71 -16.37
CA LEU B 78 -20.17 29.36 -16.43
C LEU B 78 -20.20 30.57 -17.37
N VAL B 79 -20.57 30.33 -18.62
CA VAL B 79 -20.66 31.38 -19.62
C VAL B 79 -21.52 32.53 -19.14
N GLY B 80 -22.60 32.20 -18.44
CA GLY B 80 -23.51 33.21 -17.92
C GLY B 80 -22.80 34.19 -17.00
N GLN B 81 -21.85 33.67 -16.22
CA GLN B 81 -21.10 34.50 -15.28
C GLN B 81 -20.04 35.32 -16.00
N ILE B 82 -19.60 34.83 -17.16
CA ILE B 82 -18.65 35.56 -17.98
C ILE B 82 -19.33 36.71 -18.70
N ASP B 83 -20.59 36.52 -19.05
CA ASP B 83 -21.40 37.59 -19.62
C ASP B 83 -21.65 38.66 -18.57
N ASP B 84 -22.00 38.23 -17.36
CA ASP B 84 -22.21 39.15 -16.25
C ASP B 84 -20.94 39.94 -15.96
N ALA B 85 -19.82 39.23 -15.84
CA ALA B 85 -18.53 39.85 -15.56
C ALA B 85 -18.20 40.93 -16.58
N LEU B 86 -18.74 40.79 -17.78
CA LEU B 86 -18.48 41.75 -18.85
C LEU B 86 -19.33 43.00 -18.73
N LYS B 87 -20.54 42.86 -18.21
CA LYS B 87 -21.41 44.01 -18.02
C LYS B 87 -20.78 44.96 -17.01
N LEU B 88 -20.23 44.40 -15.94
CA LEU B 88 -19.54 45.18 -14.94
C LEU B 88 -18.38 45.95 -15.57
N ALA B 89 -17.65 45.27 -16.45
CA ALA B 89 -16.48 45.87 -17.09
C ALA B 89 -16.87 47.04 -17.99
N ASN B 90 -17.97 46.87 -18.73
CA ASN B 90 -18.44 47.92 -19.63
C ASN B 90 -19.05 49.09 -18.86
N GLU B 91 -19.78 48.77 -17.79
CA GLU B 91 -20.39 49.81 -16.96
C GLU B 91 -19.32 50.67 -16.27
N GLY B 92 -18.08 50.20 -16.33
CA GLY B 92 -16.96 50.96 -15.79
C GLY B 92 -16.50 50.44 -14.43
N LYS B 93 -17.30 49.57 -13.84
CA LYS B 93 -16.93 48.94 -12.57
C LYS B 93 -15.98 47.79 -12.84
N VAL B 94 -14.76 48.14 -13.23
CA VAL B 94 -13.77 47.17 -13.70
C VAL B 94 -13.15 46.37 -12.57
N LYS B 95 -13.15 46.93 -11.36
CA LYS B 95 -12.48 46.31 -10.24
C LYS B 95 -13.29 45.14 -9.68
N GLU B 96 -14.61 45.29 -9.66
CA GLU B 96 -15.47 44.21 -9.18
C GLU B 96 -15.79 43.23 -10.30
N ALA B 97 -15.18 43.44 -11.46
CA ALA B 97 -15.22 42.45 -12.54
C ALA B 97 -14.15 41.41 -12.27
N GLN B 98 -12.98 41.86 -11.80
CA GLN B 98 -11.93 40.95 -11.36
C GLN B 98 -12.46 40.07 -10.24
N ALA B 99 -13.29 40.65 -9.38
CA ALA B 99 -13.90 39.90 -8.28
C ALA B 99 -14.71 38.73 -8.82
N ALA B 100 -15.30 38.92 -9.99
CA ALA B 100 -16.14 37.89 -10.60
C ALA B 100 -15.30 36.73 -11.13
N ALA B 101 -13.99 36.94 -11.24
CA ALA B 101 -13.10 35.89 -11.72
C ALA B 101 -12.90 34.82 -10.66
N GLU B 102 -12.74 35.25 -9.41
CA GLU B 102 -12.63 34.33 -8.29
C GLU B 102 -13.94 33.54 -8.15
N GLN B 103 -15.02 34.13 -8.67
CA GLN B 103 -16.32 33.47 -8.68
C GLN B 103 -16.36 32.39 -9.76
N LEU B 104 -15.70 32.66 -10.88
CA LEU B 104 -15.63 31.70 -11.98
C LEU B 104 -14.79 30.48 -11.58
N LYS B 105 -13.60 30.73 -11.05
CA LYS B 105 -12.69 29.66 -10.65
C LYS B 105 -13.44 28.60 -9.83
N THR B 106 -14.42 29.04 -9.05
CA THR B 106 -15.27 28.13 -8.30
C THR B 106 -16.07 27.25 -9.26
N THR B 107 -16.87 27.89 -10.10
CA THR B 107 -17.71 27.19 -11.07
C THR B 107 -16.90 26.20 -11.91
N ARG B 108 -15.62 26.50 -12.10
CA ARG B 108 -14.76 25.66 -12.94
C ARG B 108 -14.41 24.35 -12.26
N ASN B 109 -14.16 24.40 -10.96
CA ASN B 109 -13.75 23.22 -10.19
C ASN B 109 -14.90 22.28 -9.87
N ALA B 110 -16.08 22.83 -9.63
CA ALA B 110 -17.21 22.04 -9.15
C ALA B 110 -17.95 21.30 -10.26
N TYR B 111 -18.34 22.02 -11.31
CA TYR B 111 -19.22 21.46 -12.33
C TYR B 111 -18.49 20.77 -13.48
N ILE B 112 -17.44 21.40 -13.99
CA ILE B 112 -16.78 20.92 -15.20
C ILE B 112 -15.53 20.08 -14.93
N GLN B 113 -14.91 20.28 -13.77
CA GLN B 113 -13.63 19.62 -13.46
C GLN B 113 -13.74 18.10 -13.51
N LYS B 114 -14.65 17.55 -12.71
CA LYS B 114 -14.79 16.10 -12.58
C LYS B 114 -14.90 15.40 -13.94
N TYR B 115 -15.31 16.14 -14.96
CA TYR B 115 -15.50 15.56 -16.29
C TYR B 115 -14.20 15.52 -17.11
N LEU B 116 -13.06 15.56 -16.44
CA LEU B 116 -11.76 15.44 -17.12
C LEU B 116 -11.18 14.05 -16.90
N PRO B 121 -14.39 4.56 -8.88
CA PRO B 121 -14.51 5.70 -7.97
C PRO B 121 -13.78 5.47 -6.65
N LEU B 122 -14.05 6.31 -5.66
CA LEU B 122 -13.37 6.25 -4.37
C LEU B 122 -13.61 4.94 -3.64
N GLY B 123 -14.86 4.48 -3.63
CA GLY B 123 -15.24 3.30 -2.87
C GLY B 123 -15.04 2.01 -3.65
N LEU B 124 -15.01 2.11 -4.98
CA LEU B 124 -14.88 0.93 -5.82
C LEU B 124 -13.42 0.53 -5.98
N LYS B 125 -12.52 1.48 -5.76
CA LYS B 125 -11.09 1.18 -5.79
C LYS B 125 -10.63 0.66 -4.42
N VAL B 126 -11.29 1.11 -3.37
CA VAL B 126 -11.08 0.56 -2.04
C VAL B 126 -11.34 -0.94 -2.09
N THR B 127 -12.39 -1.31 -2.80
CA THR B 127 -12.71 -2.71 -3.04
C THR B 127 -11.51 -3.41 -3.68
N ILE B 128 -10.95 -2.78 -4.71
CA ILE B 128 -9.82 -3.34 -5.44
C ILE B 128 -8.62 -3.53 -4.52
N VAL B 129 -8.34 -2.53 -3.69
CA VAL B 129 -7.18 -2.57 -2.81
C VAL B 129 -7.37 -3.62 -1.72
N GLY B 130 -8.52 -3.60 -1.06
CA GLY B 130 -8.84 -4.61 -0.07
C GLY B 130 -8.71 -6.00 -0.67
N LEU B 131 -9.09 -6.11 -1.94
CA LEU B 131 -8.97 -7.38 -2.66
C LEU B 131 -7.50 -7.78 -2.79
N TYR B 132 -6.65 -6.82 -3.14
CA TYR B 132 -5.22 -7.07 -3.24
C TYR B 132 -4.64 -7.53 -1.91
N LEU B 133 -4.91 -6.75 -0.85
CA LEU B 133 -4.43 -7.09 0.49
C LEU B 133 -4.78 -8.53 0.87
N ALA B 134 -5.99 -8.94 0.53
CA ALA B 134 -6.44 -10.31 0.80
C ALA B 134 -5.63 -11.32 -0.01
N VAL B 135 -5.54 -11.08 -1.32
CA VAL B 135 -4.78 -11.95 -2.21
C VAL B 135 -3.32 -12.00 -1.76
N CYS B 136 -2.79 -10.86 -1.37
CA CYS B 136 -1.39 -10.76 -0.95
C CYS B 136 -1.09 -11.66 0.26
N VAL B 137 -1.87 -11.50 1.33
CA VAL B 137 -1.64 -12.24 2.57
C VAL B 137 -1.80 -13.74 2.36
N GLY B 138 -2.93 -14.14 1.79
CA GLY B 138 -3.20 -15.54 1.54
C GLY B 138 -2.24 -16.12 0.53
N GLY B 139 -1.95 -15.34 -0.51
CA GLY B 139 -1.01 -15.76 -1.54
C GLY B 139 0.34 -16.14 -0.96
N LEU B 140 0.98 -15.19 -0.28
CA LEU B 140 2.30 -15.41 0.30
C LEU B 140 2.28 -16.61 1.24
N LEU B 141 1.27 -16.65 2.11
CA LEU B 141 1.12 -17.77 3.03
C LEU B 141 1.11 -19.09 2.28
N GLY B 142 0.22 -19.19 1.29
CA GLY B 142 0.06 -20.41 0.53
C GLY B 142 1.33 -20.83 -0.20
N ASN B 143 1.88 -19.93 -0.99
CA ASN B 143 3.05 -20.24 -1.80
C ASN B 143 4.28 -20.54 -0.95
N CYS B 144 4.59 -19.64 -0.02
CA CYS B 144 5.72 -19.84 0.87
C CYS B 144 5.61 -21.20 1.55
N LEU B 145 4.40 -21.53 1.99
CA LEU B 145 4.11 -22.83 2.59
C LEU B 145 4.48 -23.95 1.63
N VAL B 146 4.13 -23.77 0.36
CA VAL B 146 4.44 -24.75 -0.68
C VAL B 146 5.95 -24.90 -0.87
N MET B 147 6.64 -23.78 -1.10
CA MET B 147 8.08 -23.79 -1.30
C MET B 147 8.79 -24.48 -0.13
N TYR B 148 8.35 -24.17 1.09
CA TYR B 148 8.90 -24.82 2.28
C TYR B 148 8.76 -26.34 2.16
N VAL B 149 7.52 -26.80 2.07
CA VAL B 149 7.22 -28.23 2.00
C VAL B 149 8.14 -28.98 1.04
N ILE B 150 8.28 -28.46 -0.17
CA ILE B 150 9.10 -29.10 -1.19
C ILE B 150 10.57 -28.97 -0.88
N LEU B 151 10.98 -27.77 -0.46
CA LEU B 151 12.39 -27.46 -0.27
C LEU B 151 13.04 -28.30 0.81
N ARG B 152 12.59 -28.13 2.04
CA ARG B 152 13.20 -28.78 3.19
C ARG B 152 12.37 -29.93 3.74
N HIS B 153 11.12 -29.64 4.08
CA HIS B 153 10.25 -30.58 4.79
C HIS B 153 10.47 -32.04 4.39
N THR B 154 10.44 -32.33 3.09
CA THR B 154 10.45 -33.72 2.65
C THR B 154 11.22 -33.93 1.35
N LYS B 155 11.63 -35.17 1.10
CA LYS B 155 12.23 -35.55 -0.17
C LYS B 155 11.15 -35.83 -1.21
N MET B 156 10.25 -34.87 -1.40
CA MET B 156 9.22 -34.97 -2.43
C MET B 156 9.60 -34.04 -3.57
N LYS B 157 10.90 -33.98 -3.84
CA LYS B 157 11.42 -33.18 -4.94
C LYS B 157 11.29 -33.95 -6.24
N THR B 158 10.05 -34.05 -6.74
CA THR B 158 9.79 -34.73 -8.00
C THR B 158 9.77 -33.72 -9.14
N ALA B 159 9.93 -34.20 -10.37
CA ALA B 159 9.97 -33.33 -11.53
C ALA B 159 8.88 -32.27 -11.50
N THR B 160 7.65 -32.71 -11.25
CA THR B 160 6.49 -31.83 -11.26
C THR B 160 6.56 -30.79 -10.16
N ASN B 161 7.01 -31.20 -8.97
CA ASN B 161 7.04 -30.32 -7.81
C ASN B 161 8.13 -29.26 -7.94
N ILE B 162 9.20 -29.59 -8.64
CA ILE B 162 10.26 -28.63 -8.89
C ILE B 162 9.77 -27.54 -9.84
N TYR B 163 8.81 -27.90 -10.70
CA TYR B 163 8.16 -26.93 -11.57
C TYR B 163 7.15 -26.12 -10.78
N ILE B 164 6.41 -26.79 -9.90
CA ILE B 164 5.48 -26.13 -9.01
C ILE B 164 6.22 -25.12 -8.14
N PHE B 165 7.41 -25.48 -7.70
CA PHE B 165 8.26 -24.59 -6.93
C PHE B 165 8.51 -23.32 -7.74
N ASN B 166 8.81 -23.50 -9.01
CA ASN B 166 9.09 -22.36 -9.90
C ASN B 166 7.90 -21.41 -9.99
N LEU B 167 6.69 -21.99 -10.06
CA LEU B 167 5.47 -21.19 -10.10
C LEU B 167 5.30 -20.41 -8.81
N ALA B 168 5.44 -21.09 -7.68
CA ALA B 168 5.28 -20.47 -6.37
C ALA B 168 6.26 -19.31 -6.20
N LEU B 169 7.50 -19.54 -6.61
CA LEU B 169 8.52 -18.51 -6.52
C LEU B 169 8.07 -17.27 -7.27
N ALA B 170 7.60 -17.45 -8.50
CA ALA B 170 7.13 -16.35 -9.32
C ALA B 170 5.95 -15.65 -8.66
N ASP B 171 4.97 -16.43 -8.21
CA ASP B 171 3.80 -15.88 -7.53
C ASP B 171 4.22 -15.06 -6.33
N THR B 172 5.23 -15.55 -5.61
CA THR B 172 5.73 -14.84 -4.44
C THR B 172 6.16 -13.44 -4.82
N LEU B 173 7.01 -13.34 -5.85
CA LEU B 173 7.53 -12.06 -6.30
C LEU B 173 6.42 -11.07 -6.65
N VAL B 174 5.48 -11.50 -7.49
CA VAL B 174 4.42 -10.62 -7.94
C VAL B 174 3.49 -10.24 -6.79
N LEU B 175 3.24 -11.19 -5.89
CA LEU B 175 2.40 -10.92 -4.73
C LEU B 175 2.95 -9.75 -3.90
N LEU B 176 4.27 -9.68 -3.79
CA LEU B 176 4.92 -8.64 -3.00
C LEU B 176 4.67 -7.25 -3.57
N THR B 177 4.24 -7.16 -4.82
CA THR B 177 4.04 -5.88 -5.48
C THR B 177 2.63 -5.34 -5.29
N LEU B 178 1.71 -6.19 -4.86
CA LEU B 178 0.32 -5.80 -4.72
C LEU B 178 0.13 -4.65 -3.73
N PRO B 179 0.85 -4.70 -2.61
CA PRO B 179 0.81 -3.59 -1.65
C PRO B 179 1.17 -2.27 -2.32
N PHE B 180 2.16 -2.32 -3.20
CA PHE B 180 2.65 -1.13 -3.90
C PHE B 180 1.67 -0.66 -4.97
N GLN B 181 1.23 -1.60 -5.82
CA GLN B 181 0.26 -1.27 -6.87
C GLN B 181 -1.04 -0.78 -6.23
N GLY B 182 -1.37 -1.32 -5.07
CA GLY B 182 -2.59 -0.96 -4.37
C GLY B 182 -2.65 0.50 -3.97
N THR B 183 -1.51 1.07 -3.59
CA THR B 183 -1.48 2.46 -3.16
C THR B 183 -1.54 3.38 -4.38
N ASP B 184 -0.92 2.97 -5.47
CA ASP B 184 -0.97 3.74 -6.70
C ASP B 184 -2.41 3.92 -7.14
N ILE B 185 -3.19 2.85 -6.99
CA ILE B 185 -4.60 2.87 -7.34
C ILE B 185 -5.35 3.88 -6.48
N LEU B 186 -5.02 3.94 -5.19
CA LEU B 186 -5.65 4.88 -4.28
C LEU B 186 -5.26 6.32 -4.59
N LEU B 187 -3.97 6.60 -4.50
CA LEU B 187 -3.45 7.95 -4.65
C LEU B 187 -3.68 8.49 -6.06
N GLY B 188 -3.65 7.61 -7.04
CA GLY B 188 -3.80 8.01 -8.43
C GLY B 188 -2.47 8.48 -9.02
N PHE B 189 -1.38 7.95 -8.47
CA PHE B 189 -0.06 8.23 -9.00
C PHE B 189 0.97 7.36 -8.28
N TRP B 190 2.19 7.32 -8.81
CA TRP B 190 3.24 6.46 -8.29
C TRP B 190 4.19 7.23 -7.38
N PRO B 191 4.12 6.98 -6.06
CA PRO B 191 4.90 7.72 -5.08
C PRO B 191 6.20 7.05 -4.64
N PHE B 192 6.62 6.00 -5.35
CA PHE B 192 7.78 5.23 -4.91
C PHE B 192 9.03 5.46 -5.76
N GLY B 193 8.93 6.34 -6.76
CA GLY B 193 10.09 6.67 -7.58
C GLY B 193 10.36 5.66 -8.68
N ASN B 194 11.46 5.88 -9.39
CA ASN B 194 11.78 5.10 -10.59
C ASN B 194 12.27 3.69 -10.27
N ALA B 195 13.26 3.59 -9.38
CA ALA B 195 13.87 2.30 -9.06
C ALA B 195 12.81 1.23 -8.85
N LEU B 196 11.86 1.49 -7.97
CA LEU B 196 10.80 0.53 -7.68
C LEU B 196 9.85 0.36 -8.84
N CYS B 197 9.67 1.42 -9.63
CA CYS B 197 8.83 1.36 -10.81
C CYS B 197 9.37 0.28 -11.76
N LYS B 198 10.65 0.40 -12.10
CA LYS B 198 11.30 -0.57 -12.96
C LYS B 198 11.22 -1.96 -12.36
N THR B 199 11.46 -2.05 -11.06
CA THR B 199 11.46 -3.33 -10.35
C THR B 199 10.10 -4.02 -10.46
N VAL B 200 9.05 -3.24 -10.28
CA VAL B 200 7.68 -3.77 -10.31
C VAL B 200 7.31 -4.23 -11.71
N ILE B 201 7.61 -3.42 -12.72
CA ILE B 201 7.28 -3.76 -14.09
C ILE B 201 7.96 -5.08 -14.48
N ALA B 202 9.26 -5.20 -14.19
CA ALA B 202 10.00 -6.41 -14.50
C ALA B 202 9.30 -7.65 -13.95
N ILE B 203 9.09 -7.67 -12.64
CA ILE B 203 8.40 -8.77 -11.98
C ILE B 203 7.12 -9.15 -12.71
N ASP B 204 6.30 -8.15 -12.99
CA ASP B 204 5.01 -8.34 -13.62
C ASP B 204 5.13 -9.15 -14.92
N TYR B 205 6.10 -8.80 -15.74
CA TYR B 205 6.33 -9.53 -16.99
C TYR B 205 6.98 -10.87 -16.70
N TYR B 206 8.05 -10.84 -15.90
CA TYR B 206 8.69 -12.08 -15.48
C TYR B 206 7.62 -13.08 -15.06
N ASN B 207 6.67 -12.62 -14.25
CA ASN B 207 5.58 -13.47 -13.78
C ASN B 207 4.85 -14.16 -14.93
N MET B 208 4.36 -13.37 -15.88
CA MET B 208 3.57 -13.90 -16.99
C MET B 208 4.35 -14.94 -17.78
N PHE B 209 5.59 -14.62 -18.13
CA PHE B 209 6.41 -15.50 -18.96
C PHE B 209 6.85 -16.74 -18.21
N THR B 210 7.35 -16.56 -16.99
CA THR B 210 7.79 -17.70 -16.18
C THR B 210 6.65 -18.67 -15.92
N SER B 211 5.45 -18.13 -15.75
CA SER B 211 4.28 -18.94 -15.45
C SER B 211 3.93 -19.86 -16.63
N THR B 212 3.68 -19.26 -17.78
CA THR B 212 3.33 -20.02 -18.98
C THR B 212 4.39 -21.02 -19.36
N PHE B 213 5.64 -20.56 -19.46
CA PHE B 213 6.75 -21.43 -19.82
C PHE B 213 6.87 -22.62 -18.86
N THR B 214 6.65 -22.38 -17.57
CA THR B 214 6.73 -23.44 -16.58
C THR B 214 5.57 -24.42 -16.80
N LEU B 215 4.38 -23.88 -17.03
CA LEU B 215 3.21 -24.73 -17.28
C LEU B 215 3.45 -25.60 -18.49
N THR B 216 4.02 -25.02 -19.54
CA THR B 216 4.36 -25.78 -20.74
C THR B 216 5.33 -26.91 -20.39
N ALA B 217 6.37 -26.58 -19.64
CA ALA B 217 7.36 -27.58 -19.23
C ALA B 217 6.69 -28.72 -18.47
N MET B 218 5.80 -28.36 -17.54
CA MET B 218 5.08 -29.35 -16.75
C MET B 218 4.23 -30.24 -17.66
N SER B 219 3.64 -29.64 -18.69
CA SER B 219 2.79 -30.38 -19.62
C SER B 219 3.60 -31.40 -20.40
N VAL B 220 4.73 -30.98 -20.94
CA VAL B 220 5.62 -31.89 -21.65
C VAL B 220 6.07 -33.00 -20.71
N ASP B 221 6.46 -32.62 -19.49
CA ASP B 221 6.85 -33.59 -18.47
C ASP B 221 5.77 -34.64 -18.30
N ARG B 222 4.52 -34.21 -18.22
CA ARG B 222 3.38 -35.12 -18.11
C ARG B 222 3.31 -36.06 -19.31
N TYR B 223 3.36 -35.50 -20.51
CA TYR B 223 3.27 -36.29 -21.73
C TYR B 223 4.34 -37.37 -21.76
N VAL B 224 5.56 -36.99 -21.38
CA VAL B 224 6.68 -37.92 -21.37
C VAL B 224 6.39 -39.10 -20.44
N ALA B 225 5.84 -38.80 -19.27
CA ALA B 225 5.49 -39.83 -18.30
C ALA B 225 4.45 -40.78 -18.86
N ILE B 226 3.45 -40.23 -19.55
CA ILE B 226 2.34 -41.02 -20.07
C ILE B 226 2.74 -41.92 -21.23
N CYS B 227 3.62 -41.42 -22.09
CA CYS B 227 3.99 -42.13 -23.31
C CYS B 227 5.33 -42.85 -23.18
N HIS B 228 6.24 -42.31 -22.37
CA HIS B 228 7.54 -42.93 -22.14
C HIS B 228 7.69 -43.35 -20.68
N PRO B 229 6.82 -44.26 -20.21
CA PRO B 229 6.85 -44.70 -18.82
C PRO B 229 8.11 -45.49 -18.47
N ILE B 230 8.86 -45.89 -19.50
CA ILE B 230 10.07 -46.68 -19.29
C ILE B 230 11.27 -45.76 -19.07
N ARG B 231 11.44 -44.78 -19.95
CA ARG B 231 12.58 -43.88 -19.90
C ARG B 231 12.31 -42.62 -19.08
N ALA B 232 11.10 -42.51 -18.53
CA ALA B 232 10.72 -41.33 -17.75
C ALA B 232 11.47 -41.29 -16.41
N LEU B 233 11.71 -42.45 -15.83
CA LEU B 233 12.35 -42.53 -14.53
C LEU B 233 13.69 -41.81 -14.54
N ASP B 234 14.56 -42.21 -15.48
CA ASP B 234 15.88 -41.58 -15.62
C ASP B 234 15.74 -40.15 -16.13
N VAL B 235 14.68 -39.89 -16.87
CA VAL B 235 14.51 -38.60 -17.54
C VAL B 235 13.89 -37.53 -16.63
N ARG B 236 12.94 -37.92 -15.80
CA ARG B 236 12.21 -36.97 -14.99
C ARG B 236 12.85 -36.78 -13.61
N THR B 237 14.17 -36.83 -13.59
CA THR B 237 14.94 -36.50 -12.40
C THR B 237 14.68 -35.04 -12.05
N SER B 238 14.83 -34.68 -10.79
CA SER B 238 14.57 -33.31 -10.35
C SER B 238 15.68 -32.37 -10.82
N SER B 239 16.90 -32.89 -10.83
CA SER B 239 18.05 -32.16 -11.34
C SER B 239 17.77 -31.56 -12.72
N LYS B 240 17.14 -32.33 -13.58
CA LYS B 240 16.84 -31.87 -14.94
C LYS B 240 15.71 -30.85 -14.93
N ALA B 241 14.68 -31.11 -14.13
CA ALA B 241 13.59 -30.16 -13.96
C ALA B 241 14.13 -28.85 -13.40
N GLN B 242 15.14 -28.95 -12.55
CA GLN B 242 15.81 -27.78 -12.00
C GLN B 242 16.50 -27.00 -13.12
N ALA B 243 17.18 -27.71 -14.01
CA ALA B 243 17.86 -27.10 -15.14
C ALA B 243 16.86 -26.32 -16.01
N VAL B 244 15.71 -26.93 -16.26
CA VAL B 244 14.69 -26.28 -17.08
C VAL B 244 14.28 -24.94 -16.47
N ASN B 245 13.99 -24.93 -15.18
CA ASN B 245 13.63 -23.71 -14.49
C ASN B 245 14.63 -22.60 -14.80
N VAL B 246 15.91 -22.94 -14.79
CA VAL B 246 16.97 -21.99 -15.12
C VAL B 246 16.79 -21.46 -16.55
N ALA B 247 16.54 -22.36 -17.49
CA ALA B 247 16.31 -21.96 -18.88
C ALA B 247 15.05 -21.11 -19.00
N ILE B 248 14.07 -21.38 -18.14
CA ILE B 248 12.82 -20.65 -18.14
C ILE B 248 13.01 -19.21 -17.66
N TRP B 249 13.85 -19.03 -16.64
CA TRP B 249 14.16 -17.69 -16.16
C TRP B 249 15.10 -16.97 -17.11
N ALA B 250 15.86 -17.74 -17.88
CA ALA B 250 16.76 -17.19 -18.87
C ALA B 250 15.96 -16.64 -20.06
N LEU B 251 14.99 -17.41 -20.54
CA LEU B 251 14.12 -16.97 -21.62
C LEU B 251 13.29 -15.76 -21.19
N ALA B 252 12.76 -15.81 -19.97
CA ALA B 252 11.91 -14.74 -19.45
C ALA B 252 12.65 -13.40 -19.46
N SER B 253 13.90 -13.41 -19.02
CA SER B 253 14.68 -12.19 -18.91
C SER B 253 14.87 -11.49 -20.26
N VAL B 254 14.77 -12.26 -21.35
CA VAL B 254 14.89 -11.69 -22.68
C VAL B 254 13.86 -10.58 -22.89
N VAL B 255 12.77 -10.66 -22.14
CA VAL B 255 11.74 -9.61 -22.16
C VAL B 255 11.73 -8.83 -20.86
N GLY B 256 12.03 -9.50 -19.76
CA GLY B 256 12.00 -8.88 -18.44
C GLY B 256 12.94 -7.70 -18.30
N VAL B 257 14.22 -7.92 -18.57
CA VAL B 257 15.23 -6.89 -18.40
C VAL B 257 14.99 -5.71 -19.34
N PRO B 258 14.72 -6.00 -20.62
CA PRO B 258 14.45 -4.94 -21.60
C PRO B 258 13.28 -4.05 -21.19
N VAL B 259 12.20 -4.67 -20.73
CA VAL B 259 11.02 -3.94 -20.27
C VAL B 259 11.33 -3.12 -19.04
N ALA B 260 12.17 -3.66 -18.16
CA ALA B 260 12.59 -2.94 -16.96
C ALA B 260 13.29 -1.64 -17.37
N ILE B 261 14.14 -1.74 -18.39
CA ILE B 261 14.86 -0.57 -18.88
C ILE B 261 13.89 0.45 -19.45
N MET B 262 12.96 -0.02 -20.27
CA MET B 262 12.00 0.87 -20.93
C MET B 262 11.02 1.48 -19.93
N GLY B 263 10.73 0.76 -18.87
CA GLY B 263 9.78 1.23 -17.87
C GLY B 263 10.34 2.37 -17.03
N SER B 264 9.46 3.26 -16.57
CA SER B 264 9.84 4.37 -15.72
C SER B 264 8.62 5.14 -15.23
N ALA B 265 8.85 6.14 -14.40
CA ALA B 265 7.76 6.95 -13.86
C ALA B 265 7.88 8.41 -14.31
N GLU B 271 0.60 15.02 -12.91
CA GLU B 271 0.95 13.91 -12.03
C GLU B 271 1.96 13.00 -12.69
N ILE B 272 2.39 11.96 -11.98
CA ILE B 272 3.43 11.07 -12.48
C ILE B 272 3.04 9.61 -12.26
N GLU B 273 3.34 8.76 -13.23
CA GLU B 273 2.84 7.39 -13.21
C GLU B 273 3.85 6.35 -13.72
N CYS B 274 3.69 5.12 -13.23
CA CYS B 274 4.57 4.01 -13.61
C CYS B 274 4.05 3.34 -14.89
N LEU B 275 4.88 3.28 -15.92
CA LEU B 275 4.46 2.74 -17.21
C LEU B 275 5.64 2.39 -18.11
N VAL B 276 5.37 1.61 -19.16
CA VAL B 276 6.38 1.26 -20.15
C VAL B 276 6.28 2.18 -21.35
N GLU B 277 7.43 2.68 -21.80
CA GLU B 277 7.49 3.64 -22.90
C GLU B 277 7.61 2.94 -24.25
N ILE B 278 6.68 3.25 -25.15
CA ILE B 278 6.71 2.70 -26.51
C ILE B 278 7.45 3.66 -27.42
N PRO B 279 8.38 3.14 -28.23
CA PRO B 279 9.19 3.98 -29.10
C PRO B 279 8.38 4.68 -30.20
N THR B 280 8.89 5.79 -30.72
CA THR B 280 8.23 6.51 -31.80
C THR B 280 8.61 5.92 -33.15
N PRO B 281 7.63 5.77 -34.05
CA PRO B 281 6.23 6.10 -33.76
C PRO B 281 5.51 4.97 -33.07
N GLN B 282 4.62 5.32 -32.14
CA GLN B 282 3.89 4.34 -31.35
C GLN B 282 2.86 3.61 -32.19
N ASP B 283 2.38 4.26 -33.25
CA ASP B 283 1.37 3.67 -34.12
C ASP B 283 1.90 2.45 -34.87
N TYR B 284 3.23 2.30 -34.89
CA TYR B 284 3.84 1.13 -35.51
C TYR B 284 4.29 0.12 -34.46
N TRP B 285 5.16 0.56 -33.56
CA TRP B 285 5.72 -0.32 -32.54
C TRP B 285 4.65 -0.81 -31.58
N GLY B 286 3.63 0.02 -31.33
CA GLY B 286 2.53 -0.38 -30.47
C GLY B 286 2.04 -1.76 -30.83
N PRO B 287 1.42 -1.89 -32.03
CA PRO B 287 0.94 -3.17 -32.55
C PRO B 287 2.04 -4.25 -32.61
N VAL B 288 3.27 -3.85 -32.89
CA VAL B 288 4.38 -4.80 -33.01
C VAL B 288 4.63 -5.52 -31.68
N PHE B 289 4.81 -4.76 -30.61
CA PHE B 289 5.02 -5.35 -29.29
C PHE B 289 3.71 -5.98 -28.81
N ALA B 290 2.59 -5.35 -29.17
CA ALA B 290 1.29 -5.84 -28.73
C ALA B 290 1.05 -7.26 -29.23
N ILE B 291 1.34 -7.50 -30.50
CA ILE B 291 1.12 -8.80 -31.11
C ILE B 291 2.15 -9.84 -30.66
N CYS B 292 3.42 -9.44 -30.62
CA CYS B 292 4.51 -10.34 -30.26
C CYS B 292 4.37 -10.87 -28.85
N ILE B 293 4.13 -9.97 -27.90
CA ILE B 293 3.98 -10.36 -26.50
C ILE B 293 2.76 -11.26 -26.33
N PHE B 294 1.72 -10.99 -27.11
CA PHE B 294 0.50 -11.79 -27.05
C PHE B 294 0.79 -13.23 -27.46
N LEU B 295 1.44 -13.38 -28.62
CA LEU B 295 1.77 -14.70 -29.15
C LEU B 295 2.72 -15.47 -28.26
N PHE B 296 3.86 -14.85 -27.95
CA PHE B 296 4.98 -15.57 -27.34
C PHE B 296 4.89 -15.71 -25.83
N SER B 297 4.07 -14.87 -25.19
CA SER B 297 3.91 -14.95 -23.74
C SER B 297 2.72 -15.82 -23.36
N PHE B 298 1.76 -15.96 -24.28
CA PHE B 298 0.49 -16.61 -23.96
C PHE B 298 0.08 -17.69 -24.95
N ILE B 299 -0.23 -17.28 -26.18
CA ILE B 299 -0.78 -18.20 -27.17
C ILE B 299 0.12 -19.42 -27.40
N VAL B 300 1.33 -19.18 -27.88
CA VAL B 300 2.22 -20.27 -28.31
C VAL B 300 2.46 -21.27 -27.19
N PRO B 301 2.75 -20.78 -25.99
CA PRO B 301 2.90 -21.67 -24.84
C PRO B 301 1.67 -22.54 -24.65
N VAL B 302 0.50 -21.91 -24.66
CA VAL B 302 -0.77 -22.61 -24.51
C VAL B 302 -0.97 -23.59 -25.66
N LEU B 303 -0.55 -23.17 -26.85
CA LEU B 303 -0.67 -24.02 -28.03
C LEU B 303 0.07 -25.33 -27.82
N VAL B 304 1.33 -25.22 -27.41
CA VAL B 304 2.17 -26.39 -27.14
C VAL B 304 1.48 -27.29 -26.12
N ILE B 305 1.05 -26.69 -25.01
CA ILE B 305 0.35 -27.44 -23.96
C ILE B 305 -0.79 -28.26 -24.55
N SER B 306 -1.57 -27.64 -25.43
CA SER B 306 -2.69 -28.33 -26.07
C SER B 306 -2.22 -29.57 -26.81
N VAL B 307 -1.10 -29.45 -27.51
CA VAL B 307 -0.55 -30.58 -28.26
C VAL B 307 -0.19 -31.74 -27.32
N CYS B 308 0.44 -31.41 -26.20
CA CYS B 308 0.88 -32.42 -25.25
C CYS B 308 -0.26 -33.30 -24.79
N TYR B 309 -1.33 -32.66 -24.30
CA TYR B 309 -2.49 -33.40 -23.82
C TYR B 309 -3.20 -34.14 -24.95
N SER B 310 -3.33 -33.50 -26.10
CA SER B 310 -3.94 -34.13 -27.26
C SER B 310 -3.23 -35.44 -27.60
N LEU B 311 -1.91 -35.44 -27.50
CA LEU B 311 -1.13 -36.63 -27.82
C LEU B 311 -1.32 -37.70 -26.76
N MET B 312 -1.53 -37.27 -25.52
CA MET B 312 -1.83 -38.20 -24.44
C MET B 312 -3.17 -38.89 -24.70
N ILE B 313 -4.12 -38.11 -25.20
CA ILE B 313 -5.45 -38.63 -25.50
C ILE B 313 -5.35 -39.84 -26.42
N ARG B 314 -4.75 -39.64 -27.58
CA ARG B 314 -4.64 -40.68 -28.60
C ARG B 314 -3.87 -41.88 -28.09
N ARG B 315 -2.88 -41.62 -27.24
CA ARG B 315 -2.05 -42.67 -26.68
C ARG B 315 -2.82 -43.44 -25.62
N LEU B 316 -3.62 -42.72 -24.84
CA LEU B 316 -4.37 -43.33 -23.74
C LEU B 316 -5.66 -43.92 -24.28
N GLU B 327 -0.47 -51.16 -11.83
CA GLU B 327 -0.37 -50.97 -10.40
C GLU B 327 -1.11 -49.70 -9.96
N LYS B 328 -0.37 -48.65 -9.64
CA LYS B 328 -0.97 -47.41 -9.15
C LYS B 328 -0.71 -46.25 -10.10
N ASP B 329 -0.98 -46.47 -11.38
CA ASP B 329 -0.93 -45.40 -12.35
C ASP B 329 -1.89 -44.26 -11.97
N ARG B 330 -2.74 -44.53 -10.99
CA ARG B 330 -3.65 -43.51 -10.47
C ARG B 330 -2.93 -42.19 -10.21
N ASN B 331 -1.68 -42.29 -9.72
CA ASN B 331 -0.86 -41.11 -9.50
C ASN B 331 -0.66 -40.35 -10.81
N LEU B 332 -0.14 -41.04 -11.83
CA LEU B 332 0.03 -40.45 -13.15
C LEU B 332 -1.24 -39.71 -13.56
N ARG B 333 -2.38 -40.40 -13.48
CA ARG B 333 -3.67 -39.81 -13.83
C ARG B 333 -3.98 -38.62 -12.93
N ARG B 334 -3.74 -38.77 -11.63
CA ARG B 334 -4.01 -37.72 -10.67
C ARG B 334 -3.07 -36.53 -10.84
N ILE B 335 -1.80 -36.81 -11.09
CA ILE B 335 -0.81 -35.75 -11.28
C ILE B 335 -1.06 -35.04 -12.61
N THR B 336 -1.48 -35.81 -13.60
CA THR B 336 -1.82 -35.26 -14.91
C THR B 336 -3.06 -34.38 -14.79
N ARG B 337 -4.05 -34.88 -14.05
CA ARG B 337 -5.27 -34.14 -13.82
C ARG B 337 -4.96 -32.83 -13.14
N LEU B 338 -4.00 -32.85 -12.23
CA LEU B 338 -3.60 -31.66 -11.49
C LEU B 338 -3.07 -30.60 -12.46
N VAL B 339 -2.05 -30.97 -13.23
CA VAL B 339 -1.40 -30.04 -14.15
C VAL B 339 -2.44 -29.36 -15.04
N LEU B 340 -3.42 -30.13 -15.50
CA LEU B 340 -4.43 -29.62 -16.42
C LEU B 340 -5.32 -28.57 -15.77
N VAL B 341 -5.69 -28.80 -14.52
CA VAL B 341 -6.53 -27.84 -13.80
C VAL B 341 -5.78 -26.53 -13.58
N VAL B 342 -4.50 -26.63 -13.20
CA VAL B 342 -3.68 -25.45 -12.96
C VAL B 342 -3.59 -24.60 -14.23
N VAL B 343 -3.43 -25.26 -15.36
CA VAL B 343 -3.39 -24.58 -16.66
C VAL B 343 -4.74 -23.92 -16.94
N ALA B 344 -5.81 -24.71 -16.84
CA ALA B 344 -7.16 -24.20 -17.03
C ALA B 344 -7.36 -22.93 -16.21
N VAL B 345 -7.14 -23.03 -14.90
CA VAL B 345 -7.34 -21.91 -13.99
C VAL B 345 -6.49 -20.71 -14.38
N PHE B 346 -5.24 -20.95 -14.78
CA PHE B 346 -4.36 -19.85 -15.17
C PHE B 346 -4.89 -19.15 -16.42
N VAL B 347 -5.16 -19.93 -17.46
CA VAL B 347 -5.67 -19.39 -18.71
C VAL B 347 -6.96 -18.63 -18.47
N GLY B 348 -7.80 -19.15 -17.58
CA GLY B 348 -9.07 -18.52 -17.26
C GLY B 348 -8.90 -17.14 -16.66
N CYS B 349 -7.85 -16.98 -15.85
CA CYS B 349 -7.66 -15.74 -15.09
C CYS B 349 -6.95 -14.65 -15.89
N TRP B 350 -6.18 -15.05 -16.91
CA TRP B 350 -5.33 -14.09 -17.62
C TRP B 350 -5.75 -13.84 -19.08
N THR B 351 -6.82 -14.48 -19.52
CA THR B 351 -7.26 -14.30 -20.90
C THR B 351 -7.94 -12.93 -21.12
N PRO B 352 -8.86 -12.55 -20.22
CA PRO B 352 -9.50 -11.24 -20.33
C PRO B 352 -8.48 -10.10 -20.41
N VAL B 353 -7.45 -10.17 -19.56
CA VAL B 353 -6.42 -9.15 -19.51
C VAL B 353 -5.59 -9.17 -20.78
N GLN B 354 -5.19 -10.36 -21.20
CA GLN B 354 -4.37 -10.53 -22.39
C GLN B 354 -5.00 -9.86 -23.61
N VAL B 355 -6.31 -10.08 -23.79
CA VAL B 355 -7.02 -9.52 -24.94
C VAL B 355 -7.14 -8.01 -24.83
N PHE B 356 -7.47 -7.53 -23.64
CA PHE B 356 -7.60 -6.10 -23.41
C PHE B 356 -6.27 -5.41 -23.69
N VAL B 357 -5.22 -5.87 -23.02
CA VAL B 357 -3.88 -5.31 -23.21
C VAL B 357 -3.52 -5.34 -24.69
N LEU B 358 -3.87 -6.43 -25.37
CA LEU B 358 -3.63 -6.54 -26.80
C LEU B 358 -4.34 -5.42 -27.53
N ALA B 359 -5.60 -5.18 -27.17
CA ALA B 359 -6.40 -4.13 -27.79
C ALA B 359 -5.82 -2.75 -27.51
N GLN B 360 -5.37 -2.52 -26.28
CA GLN B 360 -4.75 -1.25 -25.91
C GLN B 360 -3.55 -0.97 -26.80
N GLY B 361 -2.81 -2.02 -27.13
CA GLY B 361 -1.64 -1.90 -27.99
C GLY B 361 -2.01 -1.43 -29.39
N LEU B 362 -3.23 -1.76 -29.80
CA LEU B 362 -3.72 -1.40 -31.13
C LEU B 362 -4.42 -0.04 -31.15
N GLY B 363 -4.39 0.66 -30.02
CA GLY B 363 -4.94 2.00 -29.93
C GLY B 363 -6.29 2.06 -29.25
N VAL B 364 -6.94 0.90 -29.11
CA VAL B 364 -8.25 0.84 -28.44
C VAL B 364 -8.10 1.18 -26.97
N GLN B 365 -8.54 2.38 -26.59
CA GLN B 365 -8.36 2.87 -25.23
C GLN B 365 -9.71 3.03 -24.53
N PRO B 366 -9.79 2.60 -23.26
CA PRO B 366 -11.02 2.82 -22.48
C PRO B 366 -11.14 4.27 -22.05
N SER B 367 -12.35 4.82 -22.10
CA SER B 367 -12.57 6.21 -21.75
C SER B 367 -13.89 6.39 -21.00
N SER B 368 -14.27 5.38 -20.24
CA SER B 368 -15.47 5.47 -19.41
C SER B 368 -15.22 4.82 -18.06
N GLU B 369 -16.00 5.23 -17.06
CA GLU B 369 -15.84 4.71 -15.71
C GLU B 369 -15.99 3.18 -15.73
N THR B 370 -17.02 2.71 -16.42
CA THR B 370 -17.28 1.28 -16.53
C THR B 370 -16.11 0.57 -17.20
N ALA B 371 -15.62 1.14 -18.31
CA ALA B 371 -14.49 0.56 -19.03
C ALA B 371 -13.30 0.37 -18.10
N VAL B 372 -12.92 1.45 -17.41
CA VAL B 372 -11.82 1.40 -16.46
C VAL B 372 -12.07 0.36 -15.38
N ALA B 373 -13.26 0.39 -14.79
CA ALA B 373 -13.59 -0.52 -13.70
C ALA B 373 -13.40 -1.97 -14.14
N ILE B 374 -14.00 -2.34 -15.28
CA ILE B 374 -13.88 -3.68 -15.80
C ILE B 374 -12.41 -4.07 -15.94
N LEU B 375 -11.61 -3.14 -16.44
CA LEU B 375 -10.19 -3.37 -16.63
C LEU B 375 -9.48 -3.59 -15.30
N ARG B 376 -9.80 -2.74 -14.32
CA ARG B 376 -9.23 -2.86 -12.99
C ARG B 376 -9.52 -4.23 -12.37
N PHE B 377 -10.72 -4.73 -12.59
CA PHE B 377 -11.13 -6.00 -12.01
C PHE B 377 -10.53 -7.19 -12.73
N CYS B 378 -10.44 -7.10 -14.06
CA CYS B 378 -9.83 -8.18 -14.85
C CYS B 378 -8.34 -8.26 -14.56
N THR B 379 -7.73 -7.11 -14.29
CA THR B 379 -6.32 -7.07 -13.91
C THR B 379 -6.17 -7.69 -12.53
N ALA B 380 -7.14 -7.41 -11.66
CA ALA B 380 -7.16 -8.01 -10.33
C ALA B 380 -7.36 -9.51 -10.45
N LEU B 381 -8.36 -9.90 -11.23
CA LEU B 381 -8.67 -11.31 -11.44
C LEU B 381 -7.40 -12.09 -11.76
N GLY B 382 -6.54 -11.50 -12.57
CA GLY B 382 -5.28 -12.13 -12.93
C GLY B 382 -4.42 -12.36 -11.70
N TYR B 383 -4.29 -11.32 -10.88
CA TYR B 383 -3.46 -11.39 -9.68
C TYR B 383 -4.03 -12.36 -8.64
N VAL B 384 -5.31 -12.68 -8.77
CA VAL B 384 -5.92 -13.66 -7.87
C VAL B 384 -5.40 -15.05 -8.19
N ASN B 385 -5.01 -15.27 -9.45
CA ASN B 385 -4.47 -16.55 -9.86
C ASN B 385 -3.27 -16.96 -9.00
N SER B 386 -2.49 -15.97 -8.57
CA SER B 386 -1.30 -16.23 -7.79
C SER B 386 -1.61 -17.00 -6.50
N CYS B 387 -2.67 -16.60 -5.81
CA CYS B 387 -3.03 -17.21 -4.54
C CYS B 387 -3.87 -18.47 -4.69
N LEU B 388 -4.34 -18.74 -5.90
CA LEU B 388 -5.22 -19.88 -6.16
C LEU B 388 -4.45 -21.20 -6.19
N ASN B 389 -3.26 -21.20 -6.77
CA ASN B 389 -2.49 -22.43 -6.96
C ASN B 389 -2.37 -23.29 -5.72
N PRO B 390 -1.87 -22.71 -4.61
CA PRO B 390 -1.67 -23.51 -3.39
C PRO B 390 -2.93 -24.27 -2.99
N ILE B 391 -4.09 -23.64 -3.14
CA ILE B 391 -5.36 -24.27 -2.81
C ILE B 391 -5.63 -25.45 -3.74
N LEU B 392 -5.31 -25.30 -5.02
CA LEU B 392 -5.48 -26.37 -5.99
C LEU B 392 -4.63 -27.58 -5.60
N TYR B 393 -3.37 -27.33 -5.23
CA TYR B 393 -2.47 -28.40 -4.82
C TYR B 393 -3.05 -29.10 -3.60
N ALA B 394 -3.63 -28.32 -2.69
CA ALA B 394 -4.17 -28.84 -1.45
C ALA B 394 -5.33 -29.80 -1.69
N PHE B 395 -6.13 -29.52 -2.72
CA PHE B 395 -7.33 -30.29 -2.99
C PHE B 395 -7.11 -31.44 -3.98
N LEU B 396 -6.15 -31.28 -4.88
CA LEU B 396 -5.95 -32.26 -5.95
C LEU B 396 -4.63 -33.03 -5.87
N ASP B 397 -3.83 -32.75 -4.84
CA ASP B 397 -2.57 -33.46 -4.67
C ASP B 397 -2.51 -34.09 -3.27
N GLU B 398 -2.46 -35.42 -3.24
CA GLU B 398 -2.47 -36.16 -1.98
C GLU B 398 -1.32 -35.74 -1.06
N ASN B 399 -0.11 -35.74 -1.59
CA ASN B 399 1.07 -35.41 -0.80
C ASN B 399 0.96 -34.02 -0.16
N PHE B 400 0.66 -33.02 -0.97
CA PHE B 400 0.45 -31.66 -0.47
C PHE B 400 -0.70 -31.62 0.53
N LYS B 401 -1.77 -32.33 0.19
CA LYS B 401 -2.96 -32.40 1.02
C LYS B 401 -2.61 -32.93 2.41
N ALA B 402 -1.52 -33.69 2.49
CA ALA B 402 -1.09 -34.30 3.74
C ALA B 402 -0.26 -33.36 4.61
N CYS B 403 0.60 -32.58 3.96
CA CYS B 403 1.51 -31.70 4.69
C CYS B 403 0.80 -30.45 5.18
N PHE B 404 -0.21 -30.01 4.44
CA PHE B 404 -0.98 -28.84 4.82
C PHE B 404 -1.79 -29.16 6.07
N ARG B 405 -2.10 -30.45 6.26
CA ARG B 405 -2.76 -30.91 7.47
C ARG B 405 -1.83 -30.75 8.67
N LYS B 406 -0.54 -31.00 8.45
CA LYS B 406 0.46 -30.80 9.50
C LYS B 406 0.33 -29.38 10.03
N PHE B 407 0.45 -28.41 9.13
CA PHE B 407 0.27 -27.01 9.49
C PHE B 407 -1.21 -26.64 9.48
C4 0NN C . 4.69 -0.48 27.58
C3 0NN C . 5.64 -0.91 26.52
C2 0NN C . 5.25 -1.80 25.54
O2 0NN C . 2.69 -10.35 21.48
C1 0NN C . 3.83 -2.34 25.54
O1 0NN C . 2.02 -3.68 25.39
N1 0NN C . 2.73 -5.08 22.28
C10 0NN C . 2.72 -5.60 23.66
C11 0NN C . 2.83 -2.74 23.20
C12 0NN C . 2.07 -3.73 22.26
C13 0NN C . 2.02 -5.97 21.38
C14 0NN C . 2.91 -7.08 20.88
C15 0NN C . 2.11 -8.04 20.02
C16 0NN C . 3.19 -10.31 20.36
C17 0NN C . 4.05 -11.50 19.87
C18 0NN C . 3.31 -12.34 18.90
C19 0NN C . 3.76 -11.86 17.55
N2 0NN C . 2.94 -9.14 19.51
C20 0NN C . 5.19 -11.38 17.77
C21 0NN C . 5.79 -9.77 19.52
C22 0NN C . 5.97 -9.56 21.03
C23 0NN C . 5.82 -8.31 21.56
C24 0NN C . 5.99 -8.11 23.05
C25 0NN C . 6.29 -9.17 23.86
C26 0NN C . 6.45 -10.54 23.27
C27 0NN C . 6.30 -10.73 21.91
N3 0NN C . 5.30 -11.13 19.21
C5 0NN C . 3.41 -0.97 27.58
C6 0NN C . 2.96 -1.94 26.50
C7 0NN C . 1.66 -2.64 26.24
C8 0NN C . 3.11 -3.31 24.60
C9 0NN C . 3.60 -4.74 24.52
C1 OLB D . 11.96 18.65 28.56
C2 OLB D . 11.23 17.32 28.68
C3 OLB D . 11.59 16.63 29.99
C4 OLB D . 12.70 15.61 29.80
C5 OLB D . 12.18 14.27 29.28
O19 OLB D . 12.95 18.87 29.24
O20 OLB D . 11.48 19.67 27.64
C21 OLB D . 12.38 20.67 27.15
C22 OLB D . 11.59 21.77 26.43
O23 OLB D . 11.21 22.78 27.37
C24 OLB D . 12.44 22.41 25.34
O25 OLB D . 12.80 21.42 24.37
C6 OLB D . 11.09 13.72 30.18
C7 OLB D . 11.08 12.19 30.19
C8 OLB D . 10.08 11.66 31.20
C1 OLA E . 11.86 -22.67 12.77
O1 OLA E . 13.23 -22.49 13.23
O2 OLA E . 11.19 -21.69 12.51
C2 OLA E . 11.28 -24.06 12.61
C3 OLA E . 9.94 -24.01 11.89
C4 OLA E . 10.07 -23.39 10.49
C5 OLA E . 8.78 -23.53 9.70
C6 OLA E . 8.47 -22.23 8.96
C7 OLA E . 7.48 -22.44 7.82
C8 OLA E . 7.29 -21.16 7.01
C9 OLA E . 6.37 -21.41 5.84
C10 OLA E . 5.60 -20.43 5.37
C11 OLA E . 5.66 -19.05 5.96
C12 OLA E . 5.00 -18.05 5.03
C13 OLA E . 4.91 -16.66 5.65
C14 OLA E . 3.72 -15.90 5.08
C15 OLA E . 4.04 -14.41 4.97
C16 OLA E . 2.81 -13.57 5.30
C17 OLA E . 3.12 -12.08 5.20
C18 OLA E . 2.22 -11.30 6.12
C4 0NN F . 2.74 -10.42 -21.19
C3 0NN F . 3.45 -10.16 -19.91
C2 0NN F . 2.87 -9.37 -18.94
O2 0NN F . -0.54 -0.96 -14.83
C1 0NN F . 1.50 -8.77 -19.18
O1 0NN F . -0.61 -7.86 -18.98
N1 0NN F . -0.07 -6.12 -16.03
C10 0NN F . -0.09 -5.54 -17.42
C11 0NN F . 0.51 -8.34 -16.89
C12 0NN F . -0.47 -7.53 -16.09
C13 0NN F . -0.98 -5.37 -15.18
C14 0NN F . -0.23 -4.32 -14.37
C15 0NN F . -1.25 -3.41 -13.70
C16 0NN F . -0.27 -1.07 -13.64
C17 0NN F . 0.41 0.13 -12.91
C18 0NN F . -0.62 0.98 -12.25
C19 0NN F . -0.32 0.97 -10.78
N2 0NN F . -0.61 -2.32 -12.94
C20 0NN F . 0.66 -0.18 -10.58
C21 0NN F . 2.10 -1.49 -12.04
C22 0NN F . 2.61 -1.69 -13.48
C23 0NN F . 2.76 -2.97 -13.96
C24 0NN F . 3.25 -3.18 -15.38
C25 0NN F . 3.56 -2.12 -16.16
C26 0NN F . 3.40 -0.71 -15.63
C27 0NN F . 2.95 -0.51 -14.35
N3 0NN F . 1.36 -0.22 -11.86
C5 0NN F . 1.50 -9.86 -21.41
C6 0NN F . 0.86 -9.00 -20.35
C7 0NN F . -0.47 -8.27 -20.31
C8 0NN F . 0.63 -7.87 -18.30
C9 0NN F . 0.87 -6.35 -18.35
C9 OLC G . 9.31 -23.22 -22.88
C8 OLC G . 10.03 -24.11 -21.90
C24 OLC G . 12.89 -32.74 -18.45
C7 OLC G . 11.54 -23.94 -22.03
C6 OLC G . 12.28 -25.23 -21.74
C5 OLC G . 12.32 -26.12 -22.97
C4 OLC G . 12.81 -27.53 -22.61
C3 OLC G . 11.64 -28.43 -22.20
C2 OLC G . 12.12 -29.85 -21.96
C21 OLC G . 10.65 -32.48 -19.51
C1 OLC G . 11.19 -30.54 -20.99
C22 OLC G . 11.49 -33.34 -18.60
O19 OLC G . 10.17 -29.97 -20.59
O25 OLC G . 13.67 -33.52 -17.53
O23 OLC G . 10.87 -33.44 -17.31
O20 OLC G . 11.48 -31.87 -20.50
#